data_1IDY
# 
_entry.id   1IDY 
# 
_audit_conform.dict_name       mmcif_pdbx.dic 
_audit_conform.dict_version    5.392 
_audit_conform.dict_location   http://mmcif.pdb.org/dictionaries/ascii/mmcif_pdbx.dic 
# 
loop_
_database_2.database_id 
_database_2.database_code 
_database_2.pdbx_database_accession 
_database_2.pdbx_DOI 
PDB   1IDY         pdb_00001idy 10.2210/pdb1idy/pdb 
WWPDB D_1000174118 ?            ?                   
# 
loop_
_pdbx_audit_revision_history.ordinal 
_pdbx_audit_revision_history.data_content_type 
_pdbx_audit_revision_history.major_revision 
_pdbx_audit_revision_history.minor_revision 
_pdbx_audit_revision_history.revision_date 
1 'Structure model' 1 0 1996-12-23 
2 'Structure model' 1 1 2008-03-24 
3 'Structure model' 1 2 2011-07-13 
4 'Structure model' 1 3 2021-11-03 
5 'Structure model' 1 4 2024-05-22 
# 
_pdbx_audit_revision_details.ordinal             1 
_pdbx_audit_revision_details.revision_ordinal    1 
_pdbx_audit_revision_details.data_content_type   'Structure model' 
_pdbx_audit_revision_details.provider            repository 
_pdbx_audit_revision_details.type                'Initial release' 
_pdbx_audit_revision_details.description         ? 
_pdbx_audit_revision_details.details             ? 
# 
loop_
_pdbx_audit_revision_group.ordinal 
_pdbx_audit_revision_group.revision_ordinal 
_pdbx_audit_revision_group.data_content_type 
_pdbx_audit_revision_group.group 
1 2 'Structure model' 'Version format compliance' 
2 3 'Structure model' 'Version format compliance' 
3 4 'Structure model' 'Database references'       
4 4 'Structure model' 'Derived calculations'      
5 4 'Structure model' Other                       
6 4 'Structure model' 'Structure summary'         
7 5 'Structure model' 'Data collection'           
# 
loop_
_pdbx_audit_revision_category.ordinal 
_pdbx_audit_revision_category.revision_ordinal 
_pdbx_audit_revision_category.data_content_type 
_pdbx_audit_revision_category.category 
1 4 'Structure model' database_2            
2 4 'Structure model' pdbx_database_related 
3 4 'Structure model' pdbx_database_status  
4 4 'Structure model' pdbx_struct_assembly  
5 4 'Structure model' pdbx_struct_oper_list 
6 4 'Structure model' struct_keywords       
7 4 'Structure model' struct_ref_seq_dif    
8 5 'Structure model' chem_comp_atom        
9 5 'Structure model' chem_comp_bond        
# 
loop_
_pdbx_audit_revision_item.ordinal 
_pdbx_audit_revision_item.revision_ordinal 
_pdbx_audit_revision_item.data_content_type 
_pdbx_audit_revision_item.item 
1 4 'Structure model' '_database_2.pdbx_DOI'                
2 4 'Structure model' '_database_2.pdbx_database_accession' 
3 4 'Structure model' '_pdbx_database_related.content_type' 
4 4 'Structure model' '_pdbx_database_related.details'      
5 4 'Structure model' '_pdbx_database_status.process_site'  
6 4 'Structure model' '_struct_keywords.text'               
7 4 'Structure model' '_struct_ref_seq_dif.details'         
# 
_pdbx_database_status.status_code                     REL 
_pdbx_database_status.entry_id                        1IDY 
_pdbx_database_status.recvd_initial_deposition_date   1996-08-15 
_pdbx_database_status.deposit_site                    ? 
_pdbx_database_status.process_site                    BNL 
_pdbx_database_status.status_code_sf                  ? 
_pdbx_database_status.status_code_mr                  REL 
_pdbx_database_status.SG_entry                        ? 
_pdbx_database_status.pdb_format_compatible           Y 
_pdbx_database_status.status_code_cs                  ? 
_pdbx_database_status.methods_development_category    ? 
_pdbx_database_status.status_code_nmr_data            ? 
# 
_pdbx_database_related.db_name        PDB 
_pdbx_database_related.db_id          1IDZ 
_pdbx_database_related.details        ensemble 
_pdbx_database_related.content_type   unspecified 
# 
loop_
_audit_author.name 
_audit_author.pdbx_ordinal 
'Furukawa, K.' 1 
'Oda, M.'      2 
'Nakamura, H.' 3 
# 
loop_
_citation.id 
_citation.title 
_citation.journal_abbrev 
_citation.journal_volume 
_citation.page_first 
_citation.page_last 
_citation.year 
_citation.journal_id_ASTM 
_citation.country 
_citation.journal_id_ISSN 
_citation.journal_id_CSD 
_citation.book_publisher 
_citation.pdbx_database_id_PubMed 
_citation.pdbx_database_id_DOI 
primary 'A small engineered protein lacks structural uniqueness by increasing the side-chain conformational entropy.' 
Proc.Natl.Acad.Sci.USA  93 13583 13588 1996 PNASA6 US 0027-8424 0040 ? 8942977 10.1073/pnas.93.24.13583 
1       'Comparison of the Free and DNA-Complexed Forms of the DNA-Binding Domain from C-Myb' Nat.Struct.Biol.        2  309   ? 
1995 NSBIEW US 1072-8368 2024 ? ?       ?                        
2       'Solution Structure of a Specific DNA Complex of the Myb DNA-Binding Domain with Cooperative Recognition Helices' 
'Cell(Cambridge,Mass.)' 79 639   ?     1994 CELLB5 US 0092-8674 0998 ? ?       ?                        
3       
;Solution Structure of a DNA-Binding Unit of Myb: A Helix-Turn-Helix-Related Motif with Conserved Tryptophans Forming a Hydrophobic Core
;
Proc.Natl.Acad.Sci.USA  89 6428  ?     1992 PNASA6 US 0027-8424 0040 ? ?       ?                        
# 
loop_
_citation_author.citation_id 
_citation_author.name 
_citation_author.ordinal 
_citation_author.identifier_ORCID 
primary 'Furukawa, K.'  1  ? 
primary 'Oda, M.'       2  ? 
primary 'Nakamura, H.'  3  ? 
1       'Ogata, K.'     4  ? 
1       'Morikawa, S.'  5  ? 
1       'Nakamura, H.'  6  ? 
1       'Hojo, H.'      7  ? 
1       'Yoshimura, S.' 8  ? 
1       'Zhang, R.'     9  ? 
1       'Aimoto, S.'    10 ? 
1       'Ametani, Y.'   11 ? 
1       'Hirata, Z.'    12 ? 
1       'Sarai, A.'     13 ? 
1       'al., et'       14 ? 
2       'Ogata, K.'     15 ? 
2       'Morikawa, S.'  16 ? 
2       'Nakamura, H.'  17 ? 
2       'Sekikawa, A.'  18 ? 
2       'Inoue, T.'     19 ? 
2       'Kanai, H.'     20 ? 
2       'Sarai, A.'     21 ? 
2       'Ishii, S.'     22 ? 
2       'Nishimura, Y.' 23 ? 
3       'Ogata, K.'     24 ? 
3       'Hojo, H.'      25 ? 
3       'Aimoto, S.'    26 ? 
3       'Nakai, T.'     27 ? 
3       'Nakamura, H.'  28 ? 
3       'Sarai, A.'     29 ? 
3       'Ishii, S.'     30 ? 
3       'Nishimura, Y.' 31 ? 
# 
_entity.id                         1 
_entity.type                       polymer 
_entity.src_method                 man 
_entity.pdbx_description           'MOUSE C-MYB DNA-BINDING DOMAIN REPEAT 3' 
_entity.formula_weight             6521.496 
_entity.pdbx_number_of_molecules   1 
_entity.pdbx_ec                    ? 
_entity.pdbx_mutation              'P140M, I155L' 
_entity.pdbx_fragment              ? 
_entity.details                    ? 
# 
_entity_poly.entity_id                      1 
_entity_poly.type                           'polypeptide(L)' 
_entity_poly.nstd_linkage                   no 
_entity_poly.nstd_monomer                   no 
_entity_poly.pdbx_seq_one_letter_code       MEVKKTSWTEEEDRILYQAHKRLGNRWAEIAKLLPGRTDNAIKNHWNSTMRRKV 
_entity_poly.pdbx_seq_one_letter_code_can   MEVKKTSWTEEEDRILYQAHKRLGNRWAEIAKLLPGRTDNAIKNHWNSTMRRKV 
_entity_poly.pdbx_strand_id                 A 
_entity_poly.pdbx_target_identifier         ? 
# 
loop_
_entity_poly_seq.entity_id 
_entity_poly_seq.num 
_entity_poly_seq.mon_id 
_entity_poly_seq.hetero 
1 1  MET n 
1 2  GLU n 
1 3  VAL n 
1 4  LYS n 
1 5  LYS n 
1 6  THR n 
1 7  SER n 
1 8  TRP n 
1 9  THR n 
1 10 GLU n 
1 11 GLU n 
1 12 GLU n 
1 13 ASP n 
1 14 ARG n 
1 15 ILE n 
1 16 LEU n 
1 17 TYR n 
1 18 GLN n 
1 19 ALA n 
1 20 HIS n 
1 21 LYS n 
1 22 ARG n 
1 23 LEU n 
1 24 GLY n 
1 25 ASN n 
1 26 ARG n 
1 27 TRP n 
1 28 ALA n 
1 29 GLU n 
1 30 ILE n 
1 31 ALA n 
1 32 LYS n 
1 33 LEU n 
1 34 LEU n 
1 35 PRO n 
1 36 GLY n 
1 37 ARG n 
1 38 THR n 
1 39 ASP n 
1 40 ASN n 
1 41 ALA n 
1 42 ILE n 
1 43 LYS n 
1 44 ASN n 
1 45 HIS n 
1 46 TRP n 
1 47 ASN n 
1 48 SER n 
1 49 THR n 
1 50 MET n 
1 51 ARG n 
1 52 ARG n 
1 53 LYS n 
1 54 VAL n 
# 
_entity_src_gen.entity_id                          1 
_entity_src_gen.pdbx_src_id                        1 
_entity_src_gen.pdbx_alt_source_flag               sample 
_entity_src_gen.pdbx_seq_type                      ? 
_entity_src_gen.pdbx_beg_seq_num                   ? 
_entity_src_gen.pdbx_end_seq_num                   ? 
_entity_src_gen.gene_src_common_name               'house mouse' 
_entity_src_gen.gene_src_genus                     Mus 
_entity_src_gen.pdbx_gene_src_gene                 ? 
_entity_src_gen.gene_src_species                   ? 
_entity_src_gen.gene_src_strain                    ? 
_entity_src_gen.gene_src_tissue                    ? 
_entity_src_gen.gene_src_tissue_fraction           ? 
_entity_src_gen.gene_src_details                   ? 
_entity_src_gen.pdbx_gene_src_fragment             ? 
_entity_src_gen.pdbx_gene_src_scientific_name      'Mus musculus' 
_entity_src_gen.pdbx_gene_src_ncbi_taxonomy_id     10090 
_entity_src_gen.pdbx_gene_src_variant              ? 
_entity_src_gen.pdbx_gene_src_cell_line            ? 
_entity_src_gen.pdbx_gene_src_atcc                 ? 
_entity_src_gen.pdbx_gene_src_organ                ? 
_entity_src_gen.pdbx_gene_src_organelle            ? 
_entity_src_gen.pdbx_gene_src_cell                 ? 
_entity_src_gen.pdbx_gene_src_cellular_location    ? 
_entity_src_gen.host_org_common_name               ? 
_entity_src_gen.pdbx_host_org_scientific_name      'Escherichia coli' 
_entity_src_gen.pdbx_host_org_ncbi_taxonomy_id     562 
_entity_src_gen.host_org_genus                     Escherichia 
_entity_src_gen.pdbx_host_org_gene                 ? 
_entity_src_gen.pdbx_host_org_organ                ? 
_entity_src_gen.host_org_species                   ? 
_entity_src_gen.pdbx_host_org_tissue               ? 
_entity_src_gen.pdbx_host_org_tissue_fraction      ? 
_entity_src_gen.pdbx_host_org_strain               ? 
_entity_src_gen.pdbx_host_org_variant              ? 
_entity_src_gen.pdbx_host_org_cell_line            ? 
_entity_src_gen.pdbx_host_org_atcc                 ? 
_entity_src_gen.pdbx_host_org_culture_collection   ? 
_entity_src_gen.pdbx_host_org_cell                 ? 
_entity_src_gen.pdbx_host_org_organelle            ? 
_entity_src_gen.pdbx_host_org_cellular_location    ? 
_entity_src_gen.pdbx_host_org_vector_type          ? 
_entity_src_gen.pdbx_host_org_vector               PAR2156NCOI 
_entity_src_gen.host_org_details                   ? 
_entity_src_gen.expression_system_id               ? 
_entity_src_gen.plasmid_name                       PRP3 
_entity_src_gen.plasmid_details                    ? 
_entity_src_gen.pdbx_description                   ? 
# 
loop_
_chem_comp.id 
_chem_comp.type 
_chem_comp.mon_nstd_flag 
_chem_comp.name 
_chem_comp.pdbx_synonyms 
_chem_comp.formula 
_chem_comp.formula_weight 
ALA 'L-peptide linking' y ALANINE         ? 'C3 H7 N O2'     89.093  
ARG 'L-peptide linking' y ARGININE        ? 'C6 H15 N4 O2 1' 175.209 
ASN 'L-peptide linking' y ASPARAGINE      ? 'C4 H8 N2 O3'    132.118 
ASP 'L-peptide linking' y 'ASPARTIC ACID' ? 'C4 H7 N O4'     133.103 
GLN 'L-peptide linking' y GLUTAMINE       ? 'C5 H10 N2 O3'   146.144 
GLU 'L-peptide linking' y 'GLUTAMIC ACID' ? 'C5 H9 N O4'     147.129 
GLY 'peptide linking'   y GLYCINE         ? 'C2 H5 N O2'     75.067  
HIS 'L-peptide linking' y HISTIDINE       ? 'C6 H10 N3 O2 1' 156.162 
ILE 'L-peptide linking' y ISOLEUCINE      ? 'C6 H13 N O2'    131.173 
LEU 'L-peptide linking' y LEUCINE         ? 'C6 H13 N O2'    131.173 
LYS 'L-peptide linking' y LYSINE          ? 'C6 H15 N2 O2 1' 147.195 
MET 'L-peptide linking' y METHIONINE      ? 'C5 H11 N O2 S'  149.211 
PRO 'L-peptide linking' y PROLINE         ? 'C5 H9 N O2'     115.130 
SER 'L-peptide linking' y SERINE          ? 'C3 H7 N O3'     105.093 
THR 'L-peptide linking' y THREONINE       ? 'C4 H9 N O3'     119.119 
TRP 'L-peptide linking' y TRYPTOPHAN      ? 'C11 H12 N2 O2'  204.225 
TYR 'L-peptide linking' y TYROSINE        ? 'C9 H11 N O3'    181.189 
VAL 'L-peptide linking' y VALINE          ? 'C5 H11 N O2'    117.146 
# 
loop_
_pdbx_poly_seq_scheme.asym_id 
_pdbx_poly_seq_scheme.entity_id 
_pdbx_poly_seq_scheme.seq_id 
_pdbx_poly_seq_scheme.mon_id 
_pdbx_poly_seq_scheme.ndb_seq_num 
_pdbx_poly_seq_scheme.pdb_seq_num 
_pdbx_poly_seq_scheme.auth_seq_num 
_pdbx_poly_seq_scheme.pdb_mon_id 
_pdbx_poly_seq_scheme.auth_mon_id 
_pdbx_poly_seq_scheme.pdb_strand_id 
_pdbx_poly_seq_scheme.pdb_ins_code 
_pdbx_poly_seq_scheme.hetero 
A 1 1  MET 1  140 140 MET MET A . n 
A 1 2  GLU 2  141 141 GLU GLU A . n 
A 1 3  VAL 3  142 142 VAL VAL A . n 
A 1 4  LYS 4  143 143 LYS LYS A . n 
A 1 5  LYS 5  144 144 LYS LYS A . n 
A 1 6  THR 6  145 145 THR THR A . n 
A 1 7  SER 7  146 146 SER SER A . n 
A 1 8  TRP 8  147 147 TRP TRP A . n 
A 1 9  THR 9  148 148 THR THR A . n 
A 1 10 GLU 10 149 149 GLU GLU A . n 
A 1 11 GLU 11 150 150 GLU GLU A . n 
A 1 12 GLU 12 151 151 GLU GLU A . n 
A 1 13 ASP 13 152 152 ASP ASP A . n 
A 1 14 ARG 14 153 153 ARG ARG A . n 
A 1 15 ILE 15 154 154 ILE ILE A . n 
A 1 16 LEU 16 155 155 LEU LEU A . n 
A 1 17 TYR 17 156 156 TYR TYR A . n 
A 1 18 GLN 18 157 157 GLN GLN A . n 
A 1 19 ALA 19 158 158 ALA ALA A . n 
A 1 20 HIS 20 159 159 HIS HIS A . n 
A 1 21 LYS 21 160 160 LYS LYS A . n 
A 1 22 ARG 22 161 161 ARG ARG A . n 
A 1 23 LEU 23 162 162 LEU LEU A . n 
A 1 24 GLY 24 163 163 GLY GLY A . n 
A 1 25 ASN 25 164 164 ASN ASN A . n 
A 1 26 ARG 26 165 165 ARG ARG A . n 
A 1 27 TRP 27 166 166 TRP TRP A . n 
A 1 28 ALA 28 167 167 ALA ALA A . n 
A 1 29 GLU 29 168 168 GLU GLU A . n 
A 1 30 ILE 30 169 169 ILE ILE A . n 
A 1 31 ALA 31 170 170 ALA ALA A . n 
A 1 32 LYS 32 171 171 LYS LYS A . n 
A 1 33 LEU 33 172 172 LEU LEU A . n 
A 1 34 LEU 34 173 173 LEU LEU A . n 
A 1 35 PRO 35 174 174 PRO PRO A . n 
A 1 36 GLY 36 175 175 GLY GLY A . n 
A 1 37 ARG 37 176 176 ARG ARG A . n 
A 1 38 THR 38 177 177 THR THR A . n 
A 1 39 ASP 39 178 178 ASP ASP A . n 
A 1 40 ASN 40 179 179 ASN ASN A . n 
A 1 41 ALA 41 180 180 ALA ALA A . n 
A 1 42 ILE 42 181 181 ILE ILE A . n 
A 1 43 LYS 43 182 182 LYS LYS A . n 
A 1 44 ASN 44 183 183 ASN ASN A . n 
A 1 45 HIS 45 184 184 HIS HIS A . n 
A 1 46 TRP 46 185 185 TRP TRP A . n 
A 1 47 ASN 47 186 186 ASN ASN A . n 
A 1 48 SER 48 187 187 SER SER A . n 
A 1 49 THR 49 188 188 THR THR A . n 
A 1 50 MET 50 189 189 MET MET A . n 
A 1 51 ARG 51 190 190 ARG ARG A . n 
A 1 52 ARG 52 191 191 ARG ARG A . n 
A 1 53 LYS 53 192 192 LYS LYS A . n 
A 1 54 VAL 54 193 193 VAL VAL A . n 
# 
_software.name             AMBER 
_software.classification   refinement 
_software.version          . 
_software.citation_id      ? 
_software.pdbx_ordinal     1 
# 
_cell.entry_id           1IDY 
_cell.length_a           1.000 
_cell.length_b           1.000 
_cell.length_c           1.000 
_cell.angle_alpha        90.00 
_cell.angle_beta         90.00 
_cell.angle_gamma        90.00 
_cell.Z_PDB              1 
_cell.pdbx_unique_axis   ? 
# 
_symmetry.entry_id                         1IDY 
_symmetry.space_group_name_H-M             'P 1' 
_symmetry.pdbx_full_space_group_name_H-M   ? 
_symmetry.cell_setting                     ? 
_symmetry.Int_Tables_number                1 
# 
_exptl.entry_id          1IDY 
_exptl.method            'SOLUTION NMR' 
_exptl.crystals_number   ? 
# 
_struct.entry_id                  1IDY 
_struct.title                     'STRUCTURE OF MYB TRANSFORMING PROTEIN, NMR, MINIMIZED AVERAGE STRUCTURE' 
_struct.pdbx_model_details        ? 
_struct.pdbx_CASP_flag            ? 
_struct.pdbx_model_type_details   ? 
# 
_struct_keywords.entry_id        1IDY 
_struct_keywords.pdbx_keywords   'DNA BINDING PROTEIN' 
_struct_keywords.text            'PROTOONCOGENE PRODUCT, DNA-BINDING PROTEIN, DNA BINDING PROTEIN' 
# 
_struct_asym.id                            A 
_struct_asym.pdbx_blank_PDB_chainid_flag   Y 
_struct_asym.pdbx_modified                 N 
_struct_asym.entity_id                     1 
_struct_asym.details                       ? 
# 
_struct_ref.id                         1 
_struct_ref.db_name                    UNP 
_struct_ref.db_code                    MYB_MOUSE 
_struct_ref.entity_id                  1 
_struct_ref.pdbx_db_accession          P06876 
_struct_ref.pdbx_align_begin           1 
_struct_ref.pdbx_seq_one_letter_code   
;MARRPRHSIYSSDEDDEDIEMCDHDYDGLLPKSGKRHLGKTRWTREEDEKLKKLVEQNGTDDWKVIANYLPNRTDVQCQH
RWQKVLNPELIKGPWTKEEDQRVIELVQKYGPKRWSVIAKHLKGRIGKQCRERWHNHLNPEVKKTSWTEEEDRIIYQAHK
RLGNRWAEIAKLLPGRTDNAIKNHWNSTMRRKVEQEGYLQEPSKASQTPVATSFQKNNHLMGFGHASPPSQLSPSGQSSV
NSEYPYYHIAEAQNISSHVPYPVALHVNIVNVPQPAAAAIQRHYNDEDPEKEKRIKELELLLMSTENELKGQQALPTQNH
TCSYPGWHSTSIVDQTRPHGDSAPVSCLGEHHATPSLPADPGSLPEESASPARCMIVHQGTILDNVKNLLEFAETLQFID
SFLNTSSNHESSGLDAPTLPSTPLIGHKLTPCRDQTVKTQKENSIFRTPAIKRSILESSPRTPTPFKHALAAQEIKYGPL
KMLPQTPSHAVEDLQDVIKRESDESGIVAEFQESGPPLLKKIKQEVESPTEKSGNFFCSNHWAENSLSTQLFSQASPVAD
APNILTSSVLMTPVSEDEDNVLKAFTVPKNRPLVGPLQPCSGAWEPASCGKTEDQMTASGPARKYVNAFSARTLVM
;
_struct_ref.pdbx_db_isoform            ? 
# 
_struct_ref_seq.align_id                      1 
_struct_ref_seq.ref_id                        1 
_struct_ref_seq.pdbx_PDB_id_code              1IDY 
_struct_ref_seq.pdbx_strand_id                A 
_struct_ref_seq.seq_align_beg                 2 
_struct_ref_seq.pdbx_seq_align_beg_ins_code   ? 
_struct_ref_seq.seq_align_end                 54 
_struct_ref_seq.pdbx_seq_align_end_ins_code   ? 
_struct_ref_seq.pdbx_db_accession             P06876 
_struct_ref_seq.db_align_beg                  141 
_struct_ref_seq.pdbx_db_align_beg_ins_code    ? 
_struct_ref_seq.db_align_end                  193 
_struct_ref_seq.pdbx_db_align_end_ins_code    ? 
_struct_ref_seq.pdbx_auth_seq_align_beg       141 
_struct_ref_seq.pdbx_auth_seq_align_end       193 
# 
_struct_ref_seq_dif.align_id                     1 
_struct_ref_seq_dif.pdbx_pdb_id_code             1IDY 
_struct_ref_seq_dif.mon_id                       LEU 
_struct_ref_seq_dif.pdbx_pdb_strand_id           A 
_struct_ref_seq_dif.seq_num                      16 
_struct_ref_seq_dif.pdbx_pdb_ins_code            ? 
_struct_ref_seq_dif.pdbx_seq_db_name             UNP 
_struct_ref_seq_dif.pdbx_seq_db_accession_code   P06876 
_struct_ref_seq_dif.db_mon_id                    ILE 
_struct_ref_seq_dif.pdbx_seq_db_seq_num          155 
_struct_ref_seq_dif.details                      'engineered mutation' 
_struct_ref_seq_dif.pdbx_auth_seq_num            155 
_struct_ref_seq_dif.pdbx_ordinal                 1 
# 
_pdbx_struct_assembly.id                   1 
_pdbx_struct_assembly.details              author_defined_assembly 
_pdbx_struct_assembly.method_details       ? 
_pdbx_struct_assembly.oligomeric_details   monomeric 
_pdbx_struct_assembly.oligomeric_count     1 
# 
_pdbx_struct_assembly_gen.assembly_id       1 
_pdbx_struct_assembly_gen.oper_expression   1 
_pdbx_struct_assembly_gen.asym_id_list      A 
# 
_pdbx_struct_oper_list.id                   1 
_pdbx_struct_oper_list.type                 'identity operation' 
_pdbx_struct_oper_list.name                 1_555 
_pdbx_struct_oper_list.symmetry_operation   ? 
_pdbx_struct_oper_list.matrix[1][1]         1.0000000000 
_pdbx_struct_oper_list.matrix[1][2]         0.0000000000 
_pdbx_struct_oper_list.matrix[1][3]         0.0000000000 
_pdbx_struct_oper_list.vector[1]            0.0000000000 
_pdbx_struct_oper_list.matrix[2][1]         0.0000000000 
_pdbx_struct_oper_list.matrix[2][2]         1.0000000000 
_pdbx_struct_oper_list.matrix[2][3]         0.0000000000 
_pdbx_struct_oper_list.vector[2]            0.0000000000 
_pdbx_struct_oper_list.matrix[3][1]         0.0000000000 
_pdbx_struct_oper_list.matrix[3][2]         0.0000000000 
_pdbx_struct_oper_list.matrix[3][3]         1.0000000000 
_pdbx_struct_oper_list.vector[3]            0.0000000000 
# 
loop_
_struct_conf.conf_type_id 
_struct_conf.id 
_struct_conf.pdbx_PDB_helix_id 
_struct_conf.beg_label_comp_id 
_struct_conf.beg_label_asym_id 
_struct_conf.beg_label_seq_id 
_struct_conf.pdbx_beg_PDB_ins_code 
_struct_conf.end_label_comp_id 
_struct_conf.end_label_asym_id 
_struct_conf.end_label_seq_id 
_struct_conf.pdbx_end_PDB_ins_code 
_struct_conf.beg_auth_comp_id 
_struct_conf.beg_auth_asym_id 
_struct_conf.beg_auth_seq_id 
_struct_conf.end_auth_comp_id 
_struct_conf.end_auth_asym_id 
_struct_conf.end_auth_seq_id 
_struct_conf.pdbx_PDB_helix_class 
_struct_conf.details 
_struct_conf.pdbx_PDB_helix_length 
HELX_P HELX_P1 1 GLU A 10 ? LEU A 23 ? GLU A 149 LEU A 162 1 ? 14 
HELX_P HELX_P2 2 TRP A 27 ? LEU A 33 ? TRP A 166 LEU A 172 1 ? 7  
HELX_P HELX_P3 3 ASP A 39 ? SER A 48 ? ASP A 178 SER A 187 1 ? 10 
# 
_struct_conf_type.id          HELX_P 
_struct_conf_type.criteria    ? 
_struct_conf_type.reference   ? 
# 
loop_
_pdbx_validate_torsion.id 
_pdbx_validate_torsion.PDB_model_num 
_pdbx_validate_torsion.auth_comp_id 
_pdbx_validate_torsion.auth_asym_id 
_pdbx_validate_torsion.auth_seq_id 
_pdbx_validate_torsion.PDB_ins_code 
_pdbx_validate_torsion.label_alt_id 
_pdbx_validate_torsion.phi 
_pdbx_validate_torsion.psi 
1 1 GLU A 141 ? ? 64.43  100.84 
2 1 LYS A 143 ? ? -65.08 89.40  
3 1 SER A 146 ? ? -80.83 44.23  
4 1 ASN A 164 ? ? -79.88 35.30  
5 1 ARG A 190 ? ? -81.08 45.81  
# 
_pdbx_nmr_ensemble.entry_id                             1IDY 
_pdbx_nmr_ensemble.conformers_calculated_total_number   120 
_pdbx_nmr_ensemble.conformers_submitted_total_number    1 
_pdbx_nmr_ensemble.conformer_selection_criteria         '0.1 ANGSTROM MAXIMUM DISTANCE VIOLATION' 
# 
_pdbx_nmr_exptl_sample_conditions.conditions_id       1 
_pdbx_nmr_exptl_sample_conditions.temperature         283 
_pdbx_nmr_exptl_sample_conditions.pressure            ? 
_pdbx_nmr_exptl_sample_conditions.pH                  5.0 
_pdbx_nmr_exptl_sample_conditions.ionic_strength      ? 
_pdbx_nmr_exptl_sample_conditions.pressure_units      . 
_pdbx_nmr_exptl_sample_conditions.temperature_units   K 
# 
_pdbx_nmr_exptl.experiment_id   1 
_pdbx_nmr_exptl.conditions_id   1 
_pdbx_nmr_exptl.type            '2D 1H-1H NOESY' 
_pdbx_nmr_exptl.solution_id     1 
# 
_pdbx_nmr_refine.entry_id           1IDY 
_pdbx_nmr_refine.method             'SIMULATED ANNEALING IN 4D' 
_pdbx_nmr_refine.details            ? 
_pdbx_nmr_refine.software_ordinal   1 
# 
loop_
_pdbx_nmr_software.classification 
_pdbx_nmr_software.name 
_pdbx_nmr_software.version 
_pdbx_nmr_software.authors 
_pdbx_nmr_software.ordinal 
refinement           PRESTO ? MORIKAMI,NAKAI,KIDERA,SAITO,NAKAMURA 1 
'structure solution' EMBOSS ? ?                                    2 
# 
loop_
_chem_comp_atom.comp_id 
_chem_comp_atom.atom_id 
_chem_comp_atom.type_symbol 
_chem_comp_atom.pdbx_aromatic_flag 
_chem_comp_atom.pdbx_stereo_config 
_chem_comp_atom.pdbx_ordinal 
ALA N    N N N 1   
ALA CA   C N S 2   
ALA C    C N N 3   
ALA O    O N N 4   
ALA CB   C N N 5   
ALA OXT  O N N 6   
ALA H    H N N 7   
ALA H2   H N N 8   
ALA HA   H N N 9   
ALA HB1  H N N 10  
ALA HB2  H N N 11  
ALA HB3  H N N 12  
ALA HXT  H N N 13  
ARG N    N N N 14  
ARG CA   C N S 15  
ARG C    C N N 16  
ARG O    O N N 17  
ARG CB   C N N 18  
ARG CG   C N N 19  
ARG CD   C N N 20  
ARG NE   N N N 21  
ARG CZ   C N N 22  
ARG NH1  N N N 23  
ARG NH2  N N N 24  
ARG OXT  O N N 25  
ARG H    H N N 26  
ARG H2   H N N 27  
ARG HA   H N N 28  
ARG HB2  H N N 29  
ARG HB3  H N N 30  
ARG HG2  H N N 31  
ARG HG3  H N N 32  
ARG HD2  H N N 33  
ARG HD3  H N N 34  
ARG HE   H N N 35  
ARG HH11 H N N 36  
ARG HH12 H N N 37  
ARG HH21 H N N 38  
ARG HH22 H N N 39  
ARG HXT  H N N 40  
ASN N    N N N 41  
ASN CA   C N S 42  
ASN C    C N N 43  
ASN O    O N N 44  
ASN CB   C N N 45  
ASN CG   C N N 46  
ASN OD1  O N N 47  
ASN ND2  N N N 48  
ASN OXT  O N N 49  
ASN H    H N N 50  
ASN H2   H N N 51  
ASN HA   H N N 52  
ASN HB2  H N N 53  
ASN HB3  H N N 54  
ASN HD21 H N N 55  
ASN HD22 H N N 56  
ASN HXT  H N N 57  
ASP N    N N N 58  
ASP CA   C N S 59  
ASP C    C N N 60  
ASP O    O N N 61  
ASP CB   C N N 62  
ASP CG   C N N 63  
ASP OD1  O N N 64  
ASP OD2  O N N 65  
ASP OXT  O N N 66  
ASP H    H N N 67  
ASP H2   H N N 68  
ASP HA   H N N 69  
ASP HB2  H N N 70  
ASP HB3  H N N 71  
ASP HD2  H N N 72  
ASP HXT  H N N 73  
GLN N    N N N 74  
GLN CA   C N S 75  
GLN C    C N N 76  
GLN O    O N N 77  
GLN CB   C N N 78  
GLN CG   C N N 79  
GLN CD   C N N 80  
GLN OE1  O N N 81  
GLN NE2  N N N 82  
GLN OXT  O N N 83  
GLN H    H N N 84  
GLN H2   H N N 85  
GLN HA   H N N 86  
GLN HB2  H N N 87  
GLN HB3  H N N 88  
GLN HG2  H N N 89  
GLN HG3  H N N 90  
GLN HE21 H N N 91  
GLN HE22 H N N 92  
GLN HXT  H N N 93  
GLU N    N N N 94  
GLU CA   C N S 95  
GLU C    C N N 96  
GLU O    O N N 97  
GLU CB   C N N 98  
GLU CG   C N N 99  
GLU CD   C N N 100 
GLU OE1  O N N 101 
GLU OE2  O N N 102 
GLU OXT  O N N 103 
GLU H    H N N 104 
GLU H2   H N N 105 
GLU HA   H N N 106 
GLU HB2  H N N 107 
GLU HB3  H N N 108 
GLU HG2  H N N 109 
GLU HG3  H N N 110 
GLU HE2  H N N 111 
GLU HXT  H N N 112 
GLY N    N N N 113 
GLY CA   C N N 114 
GLY C    C N N 115 
GLY O    O N N 116 
GLY OXT  O N N 117 
GLY H    H N N 118 
GLY H2   H N N 119 
GLY HA2  H N N 120 
GLY HA3  H N N 121 
GLY HXT  H N N 122 
HIS N    N N N 123 
HIS CA   C N S 124 
HIS C    C N N 125 
HIS O    O N N 126 
HIS CB   C N N 127 
HIS CG   C Y N 128 
HIS ND1  N Y N 129 
HIS CD2  C Y N 130 
HIS CE1  C Y N 131 
HIS NE2  N Y N 132 
HIS OXT  O N N 133 
HIS H    H N N 134 
HIS H2   H N N 135 
HIS HA   H N N 136 
HIS HB2  H N N 137 
HIS HB3  H N N 138 
HIS HD1  H N N 139 
HIS HD2  H N N 140 
HIS HE1  H N N 141 
HIS HE2  H N N 142 
HIS HXT  H N N 143 
ILE N    N N N 144 
ILE CA   C N S 145 
ILE C    C N N 146 
ILE O    O N N 147 
ILE CB   C N S 148 
ILE CG1  C N N 149 
ILE CG2  C N N 150 
ILE CD1  C N N 151 
ILE OXT  O N N 152 
ILE H    H N N 153 
ILE H2   H N N 154 
ILE HA   H N N 155 
ILE HB   H N N 156 
ILE HG12 H N N 157 
ILE HG13 H N N 158 
ILE HG21 H N N 159 
ILE HG22 H N N 160 
ILE HG23 H N N 161 
ILE HD11 H N N 162 
ILE HD12 H N N 163 
ILE HD13 H N N 164 
ILE HXT  H N N 165 
LEU N    N N N 166 
LEU CA   C N S 167 
LEU C    C N N 168 
LEU O    O N N 169 
LEU CB   C N N 170 
LEU CG   C N N 171 
LEU CD1  C N N 172 
LEU CD2  C N N 173 
LEU OXT  O N N 174 
LEU H    H N N 175 
LEU H2   H N N 176 
LEU HA   H N N 177 
LEU HB2  H N N 178 
LEU HB3  H N N 179 
LEU HG   H N N 180 
LEU HD11 H N N 181 
LEU HD12 H N N 182 
LEU HD13 H N N 183 
LEU HD21 H N N 184 
LEU HD22 H N N 185 
LEU HD23 H N N 186 
LEU HXT  H N N 187 
LYS N    N N N 188 
LYS CA   C N S 189 
LYS C    C N N 190 
LYS O    O N N 191 
LYS CB   C N N 192 
LYS CG   C N N 193 
LYS CD   C N N 194 
LYS CE   C N N 195 
LYS NZ   N N N 196 
LYS OXT  O N N 197 
LYS H    H N N 198 
LYS H2   H N N 199 
LYS HA   H N N 200 
LYS HB2  H N N 201 
LYS HB3  H N N 202 
LYS HG2  H N N 203 
LYS HG3  H N N 204 
LYS HD2  H N N 205 
LYS HD3  H N N 206 
LYS HE2  H N N 207 
LYS HE3  H N N 208 
LYS HZ1  H N N 209 
LYS HZ2  H N N 210 
LYS HZ3  H N N 211 
LYS HXT  H N N 212 
MET N    N N N 213 
MET CA   C N S 214 
MET C    C N N 215 
MET O    O N N 216 
MET CB   C N N 217 
MET CG   C N N 218 
MET SD   S N N 219 
MET CE   C N N 220 
MET OXT  O N N 221 
MET H    H N N 222 
MET H2   H N N 223 
MET HA   H N N 224 
MET HB2  H N N 225 
MET HB3  H N N 226 
MET HG2  H N N 227 
MET HG3  H N N 228 
MET HE1  H N N 229 
MET HE2  H N N 230 
MET HE3  H N N 231 
MET HXT  H N N 232 
PRO N    N N N 233 
PRO CA   C N S 234 
PRO C    C N N 235 
PRO O    O N N 236 
PRO CB   C N N 237 
PRO CG   C N N 238 
PRO CD   C N N 239 
PRO OXT  O N N 240 
PRO H    H N N 241 
PRO HA   H N N 242 
PRO HB2  H N N 243 
PRO HB3  H N N 244 
PRO HG2  H N N 245 
PRO HG3  H N N 246 
PRO HD2  H N N 247 
PRO HD3  H N N 248 
PRO HXT  H N N 249 
SER N    N N N 250 
SER CA   C N S 251 
SER C    C N N 252 
SER O    O N N 253 
SER CB   C N N 254 
SER OG   O N N 255 
SER OXT  O N N 256 
SER H    H N N 257 
SER H2   H N N 258 
SER HA   H N N 259 
SER HB2  H N N 260 
SER HB3  H N N 261 
SER HG   H N N 262 
SER HXT  H N N 263 
THR N    N N N 264 
THR CA   C N S 265 
THR C    C N N 266 
THR O    O N N 267 
THR CB   C N R 268 
THR OG1  O N N 269 
THR CG2  C N N 270 
THR OXT  O N N 271 
THR H    H N N 272 
THR H2   H N N 273 
THR HA   H N N 274 
THR HB   H N N 275 
THR HG1  H N N 276 
THR HG21 H N N 277 
THR HG22 H N N 278 
THR HG23 H N N 279 
THR HXT  H N N 280 
TRP N    N N N 281 
TRP CA   C N S 282 
TRP C    C N N 283 
TRP O    O N N 284 
TRP CB   C N N 285 
TRP CG   C Y N 286 
TRP CD1  C Y N 287 
TRP CD2  C Y N 288 
TRP NE1  N Y N 289 
TRP CE2  C Y N 290 
TRP CE3  C Y N 291 
TRP CZ2  C Y N 292 
TRP CZ3  C Y N 293 
TRP CH2  C Y N 294 
TRP OXT  O N N 295 
TRP H    H N N 296 
TRP H2   H N N 297 
TRP HA   H N N 298 
TRP HB2  H N N 299 
TRP HB3  H N N 300 
TRP HD1  H N N 301 
TRP HE1  H N N 302 
TRP HE3  H N N 303 
TRP HZ2  H N N 304 
TRP HZ3  H N N 305 
TRP HH2  H N N 306 
TRP HXT  H N N 307 
TYR N    N N N 308 
TYR CA   C N S 309 
TYR C    C N N 310 
TYR O    O N N 311 
TYR CB   C N N 312 
TYR CG   C Y N 313 
TYR CD1  C Y N 314 
TYR CD2  C Y N 315 
TYR CE1  C Y N 316 
TYR CE2  C Y N 317 
TYR CZ   C Y N 318 
TYR OH   O N N 319 
TYR OXT  O N N 320 
TYR H    H N N 321 
TYR H2   H N N 322 
TYR HA   H N N 323 
TYR HB2  H N N 324 
TYR HB3  H N N 325 
TYR HD1  H N N 326 
TYR HD2  H N N 327 
TYR HE1  H N N 328 
TYR HE2  H N N 329 
TYR HH   H N N 330 
TYR HXT  H N N 331 
VAL N    N N N 332 
VAL CA   C N S 333 
VAL C    C N N 334 
VAL O    O N N 335 
VAL CB   C N N 336 
VAL CG1  C N N 337 
VAL CG2  C N N 338 
VAL OXT  O N N 339 
VAL H    H N N 340 
VAL H2   H N N 341 
VAL HA   H N N 342 
VAL HB   H N N 343 
VAL HG11 H N N 344 
VAL HG12 H N N 345 
VAL HG13 H N N 346 
VAL HG21 H N N 347 
VAL HG22 H N N 348 
VAL HG23 H N N 349 
VAL HXT  H N N 350 
# 
loop_
_chem_comp_bond.comp_id 
_chem_comp_bond.atom_id_1 
_chem_comp_bond.atom_id_2 
_chem_comp_bond.value_order 
_chem_comp_bond.pdbx_aromatic_flag 
_chem_comp_bond.pdbx_stereo_config 
_chem_comp_bond.pdbx_ordinal 
ALA N   CA   sing N N 1   
ALA N   H    sing N N 2   
ALA N   H2   sing N N 3   
ALA CA  C    sing N N 4   
ALA CA  CB   sing N N 5   
ALA CA  HA   sing N N 6   
ALA C   O    doub N N 7   
ALA C   OXT  sing N N 8   
ALA CB  HB1  sing N N 9   
ALA CB  HB2  sing N N 10  
ALA CB  HB3  sing N N 11  
ALA OXT HXT  sing N N 12  
ARG N   CA   sing N N 13  
ARG N   H    sing N N 14  
ARG N   H2   sing N N 15  
ARG CA  C    sing N N 16  
ARG CA  CB   sing N N 17  
ARG CA  HA   sing N N 18  
ARG C   O    doub N N 19  
ARG C   OXT  sing N N 20  
ARG CB  CG   sing N N 21  
ARG CB  HB2  sing N N 22  
ARG CB  HB3  sing N N 23  
ARG CG  CD   sing N N 24  
ARG CG  HG2  sing N N 25  
ARG CG  HG3  sing N N 26  
ARG CD  NE   sing N N 27  
ARG CD  HD2  sing N N 28  
ARG CD  HD3  sing N N 29  
ARG NE  CZ   sing N N 30  
ARG NE  HE   sing N N 31  
ARG CZ  NH1  sing N N 32  
ARG CZ  NH2  doub N N 33  
ARG NH1 HH11 sing N N 34  
ARG NH1 HH12 sing N N 35  
ARG NH2 HH21 sing N N 36  
ARG NH2 HH22 sing N N 37  
ARG OXT HXT  sing N N 38  
ASN N   CA   sing N N 39  
ASN N   H    sing N N 40  
ASN N   H2   sing N N 41  
ASN CA  C    sing N N 42  
ASN CA  CB   sing N N 43  
ASN CA  HA   sing N N 44  
ASN C   O    doub N N 45  
ASN C   OXT  sing N N 46  
ASN CB  CG   sing N N 47  
ASN CB  HB2  sing N N 48  
ASN CB  HB3  sing N N 49  
ASN CG  OD1  doub N N 50  
ASN CG  ND2  sing N N 51  
ASN ND2 HD21 sing N N 52  
ASN ND2 HD22 sing N N 53  
ASN OXT HXT  sing N N 54  
ASP N   CA   sing N N 55  
ASP N   H    sing N N 56  
ASP N   H2   sing N N 57  
ASP CA  C    sing N N 58  
ASP CA  CB   sing N N 59  
ASP CA  HA   sing N N 60  
ASP C   O    doub N N 61  
ASP C   OXT  sing N N 62  
ASP CB  CG   sing N N 63  
ASP CB  HB2  sing N N 64  
ASP CB  HB3  sing N N 65  
ASP CG  OD1  doub N N 66  
ASP CG  OD2  sing N N 67  
ASP OD2 HD2  sing N N 68  
ASP OXT HXT  sing N N 69  
GLN N   CA   sing N N 70  
GLN N   H    sing N N 71  
GLN N   H2   sing N N 72  
GLN CA  C    sing N N 73  
GLN CA  CB   sing N N 74  
GLN CA  HA   sing N N 75  
GLN C   O    doub N N 76  
GLN C   OXT  sing N N 77  
GLN CB  CG   sing N N 78  
GLN CB  HB2  sing N N 79  
GLN CB  HB3  sing N N 80  
GLN CG  CD   sing N N 81  
GLN CG  HG2  sing N N 82  
GLN CG  HG3  sing N N 83  
GLN CD  OE1  doub N N 84  
GLN CD  NE2  sing N N 85  
GLN NE2 HE21 sing N N 86  
GLN NE2 HE22 sing N N 87  
GLN OXT HXT  sing N N 88  
GLU N   CA   sing N N 89  
GLU N   H    sing N N 90  
GLU N   H2   sing N N 91  
GLU CA  C    sing N N 92  
GLU CA  CB   sing N N 93  
GLU CA  HA   sing N N 94  
GLU C   O    doub N N 95  
GLU C   OXT  sing N N 96  
GLU CB  CG   sing N N 97  
GLU CB  HB2  sing N N 98  
GLU CB  HB3  sing N N 99  
GLU CG  CD   sing N N 100 
GLU CG  HG2  sing N N 101 
GLU CG  HG3  sing N N 102 
GLU CD  OE1  doub N N 103 
GLU CD  OE2  sing N N 104 
GLU OE2 HE2  sing N N 105 
GLU OXT HXT  sing N N 106 
GLY N   CA   sing N N 107 
GLY N   H    sing N N 108 
GLY N   H2   sing N N 109 
GLY CA  C    sing N N 110 
GLY CA  HA2  sing N N 111 
GLY CA  HA3  sing N N 112 
GLY C   O    doub N N 113 
GLY C   OXT  sing N N 114 
GLY OXT HXT  sing N N 115 
HIS N   CA   sing N N 116 
HIS N   H    sing N N 117 
HIS N   H2   sing N N 118 
HIS CA  C    sing N N 119 
HIS CA  CB   sing N N 120 
HIS CA  HA   sing N N 121 
HIS C   O    doub N N 122 
HIS C   OXT  sing N N 123 
HIS CB  CG   sing N N 124 
HIS CB  HB2  sing N N 125 
HIS CB  HB3  sing N N 126 
HIS CG  ND1  sing Y N 127 
HIS CG  CD2  doub Y N 128 
HIS ND1 CE1  doub Y N 129 
HIS ND1 HD1  sing N N 130 
HIS CD2 NE2  sing Y N 131 
HIS CD2 HD2  sing N N 132 
HIS CE1 NE2  sing Y N 133 
HIS CE1 HE1  sing N N 134 
HIS NE2 HE2  sing N N 135 
HIS OXT HXT  sing N N 136 
ILE N   CA   sing N N 137 
ILE N   H    sing N N 138 
ILE N   H2   sing N N 139 
ILE CA  C    sing N N 140 
ILE CA  CB   sing N N 141 
ILE CA  HA   sing N N 142 
ILE C   O    doub N N 143 
ILE C   OXT  sing N N 144 
ILE CB  CG1  sing N N 145 
ILE CB  CG2  sing N N 146 
ILE CB  HB   sing N N 147 
ILE CG1 CD1  sing N N 148 
ILE CG1 HG12 sing N N 149 
ILE CG1 HG13 sing N N 150 
ILE CG2 HG21 sing N N 151 
ILE CG2 HG22 sing N N 152 
ILE CG2 HG23 sing N N 153 
ILE CD1 HD11 sing N N 154 
ILE CD1 HD12 sing N N 155 
ILE CD1 HD13 sing N N 156 
ILE OXT HXT  sing N N 157 
LEU N   CA   sing N N 158 
LEU N   H    sing N N 159 
LEU N   H2   sing N N 160 
LEU CA  C    sing N N 161 
LEU CA  CB   sing N N 162 
LEU CA  HA   sing N N 163 
LEU C   O    doub N N 164 
LEU C   OXT  sing N N 165 
LEU CB  CG   sing N N 166 
LEU CB  HB2  sing N N 167 
LEU CB  HB3  sing N N 168 
LEU CG  CD1  sing N N 169 
LEU CG  CD2  sing N N 170 
LEU CG  HG   sing N N 171 
LEU CD1 HD11 sing N N 172 
LEU CD1 HD12 sing N N 173 
LEU CD1 HD13 sing N N 174 
LEU CD2 HD21 sing N N 175 
LEU CD2 HD22 sing N N 176 
LEU CD2 HD23 sing N N 177 
LEU OXT HXT  sing N N 178 
LYS N   CA   sing N N 179 
LYS N   H    sing N N 180 
LYS N   H2   sing N N 181 
LYS CA  C    sing N N 182 
LYS CA  CB   sing N N 183 
LYS CA  HA   sing N N 184 
LYS C   O    doub N N 185 
LYS C   OXT  sing N N 186 
LYS CB  CG   sing N N 187 
LYS CB  HB2  sing N N 188 
LYS CB  HB3  sing N N 189 
LYS CG  CD   sing N N 190 
LYS CG  HG2  sing N N 191 
LYS CG  HG3  sing N N 192 
LYS CD  CE   sing N N 193 
LYS CD  HD2  sing N N 194 
LYS CD  HD3  sing N N 195 
LYS CE  NZ   sing N N 196 
LYS CE  HE2  sing N N 197 
LYS CE  HE3  sing N N 198 
LYS NZ  HZ1  sing N N 199 
LYS NZ  HZ2  sing N N 200 
LYS NZ  HZ3  sing N N 201 
LYS OXT HXT  sing N N 202 
MET N   CA   sing N N 203 
MET N   H    sing N N 204 
MET N   H2   sing N N 205 
MET CA  C    sing N N 206 
MET CA  CB   sing N N 207 
MET CA  HA   sing N N 208 
MET C   O    doub N N 209 
MET C   OXT  sing N N 210 
MET CB  CG   sing N N 211 
MET CB  HB2  sing N N 212 
MET CB  HB3  sing N N 213 
MET CG  SD   sing N N 214 
MET CG  HG2  sing N N 215 
MET CG  HG3  sing N N 216 
MET SD  CE   sing N N 217 
MET CE  HE1  sing N N 218 
MET CE  HE2  sing N N 219 
MET CE  HE3  sing N N 220 
MET OXT HXT  sing N N 221 
PRO N   CA   sing N N 222 
PRO N   CD   sing N N 223 
PRO N   H    sing N N 224 
PRO CA  C    sing N N 225 
PRO CA  CB   sing N N 226 
PRO CA  HA   sing N N 227 
PRO C   O    doub N N 228 
PRO C   OXT  sing N N 229 
PRO CB  CG   sing N N 230 
PRO CB  HB2  sing N N 231 
PRO CB  HB3  sing N N 232 
PRO CG  CD   sing N N 233 
PRO CG  HG2  sing N N 234 
PRO CG  HG3  sing N N 235 
PRO CD  HD2  sing N N 236 
PRO CD  HD3  sing N N 237 
PRO OXT HXT  sing N N 238 
SER N   CA   sing N N 239 
SER N   H    sing N N 240 
SER N   H2   sing N N 241 
SER CA  C    sing N N 242 
SER CA  CB   sing N N 243 
SER CA  HA   sing N N 244 
SER C   O    doub N N 245 
SER C   OXT  sing N N 246 
SER CB  OG   sing N N 247 
SER CB  HB2  sing N N 248 
SER CB  HB3  sing N N 249 
SER OG  HG   sing N N 250 
SER OXT HXT  sing N N 251 
THR N   CA   sing N N 252 
THR N   H    sing N N 253 
THR N   H2   sing N N 254 
THR CA  C    sing N N 255 
THR CA  CB   sing N N 256 
THR CA  HA   sing N N 257 
THR C   O    doub N N 258 
THR C   OXT  sing N N 259 
THR CB  OG1  sing N N 260 
THR CB  CG2  sing N N 261 
THR CB  HB   sing N N 262 
THR OG1 HG1  sing N N 263 
THR CG2 HG21 sing N N 264 
THR CG2 HG22 sing N N 265 
THR CG2 HG23 sing N N 266 
THR OXT HXT  sing N N 267 
TRP N   CA   sing N N 268 
TRP N   H    sing N N 269 
TRP N   H2   sing N N 270 
TRP CA  C    sing N N 271 
TRP CA  CB   sing N N 272 
TRP CA  HA   sing N N 273 
TRP C   O    doub N N 274 
TRP C   OXT  sing N N 275 
TRP CB  CG   sing N N 276 
TRP CB  HB2  sing N N 277 
TRP CB  HB3  sing N N 278 
TRP CG  CD1  doub Y N 279 
TRP CG  CD2  sing Y N 280 
TRP CD1 NE1  sing Y N 281 
TRP CD1 HD1  sing N N 282 
TRP CD2 CE2  doub Y N 283 
TRP CD2 CE3  sing Y N 284 
TRP NE1 CE2  sing Y N 285 
TRP NE1 HE1  sing N N 286 
TRP CE2 CZ2  sing Y N 287 
TRP CE3 CZ3  doub Y N 288 
TRP CE3 HE3  sing N N 289 
TRP CZ2 CH2  doub Y N 290 
TRP CZ2 HZ2  sing N N 291 
TRP CZ3 CH2  sing Y N 292 
TRP CZ3 HZ3  sing N N 293 
TRP CH2 HH2  sing N N 294 
TRP OXT HXT  sing N N 295 
TYR N   CA   sing N N 296 
TYR N   H    sing N N 297 
TYR N   H2   sing N N 298 
TYR CA  C    sing N N 299 
TYR CA  CB   sing N N 300 
TYR CA  HA   sing N N 301 
TYR C   O    doub N N 302 
TYR C   OXT  sing N N 303 
TYR CB  CG   sing N N 304 
TYR CB  HB2  sing N N 305 
TYR CB  HB3  sing N N 306 
TYR CG  CD1  doub Y N 307 
TYR CG  CD2  sing Y N 308 
TYR CD1 CE1  sing Y N 309 
TYR CD1 HD1  sing N N 310 
TYR CD2 CE2  doub Y N 311 
TYR CD2 HD2  sing N N 312 
TYR CE1 CZ   doub Y N 313 
TYR CE1 HE1  sing N N 314 
TYR CE2 CZ   sing Y N 315 
TYR CE2 HE2  sing N N 316 
TYR CZ  OH   sing N N 317 
TYR OH  HH   sing N N 318 
TYR OXT HXT  sing N N 319 
VAL N   CA   sing N N 320 
VAL N   H    sing N N 321 
VAL N   H2   sing N N 322 
VAL CA  C    sing N N 323 
VAL CA  CB   sing N N 324 
VAL CA  HA   sing N N 325 
VAL C   O    doub N N 326 
VAL C   OXT  sing N N 327 
VAL CB  CG1  sing N N 328 
VAL CB  CG2  sing N N 329 
VAL CB  HB   sing N N 330 
VAL CG1 HG11 sing N N 331 
VAL CG1 HG12 sing N N 332 
VAL CG1 HG13 sing N N 333 
VAL CG2 HG21 sing N N 334 
VAL CG2 HG22 sing N N 335 
VAL CG2 HG23 sing N N 336 
VAL OXT HXT  sing N N 337 
# 
_pdbx_nmr_spectrometer.spectrometer_id   1 
_pdbx_nmr_spectrometer.model             AMX-600 
_pdbx_nmr_spectrometer.manufacturer      Bruker 
_pdbx_nmr_spectrometer.field_strength    600.13 
# 
_atom_sites.entry_id                    1IDY 
_atom_sites.fract_transf_matrix[1][1]   1.000000 
_atom_sites.fract_transf_matrix[1][2]   0.000000 
_atom_sites.fract_transf_matrix[1][3]   0.000000 
_atom_sites.fract_transf_matrix[2][1]   0.000000 
_atom_sites.fract_transf_matrix[2][2]   1.000000 
_atom_sites.fract_transf_matrix[2][3]   0.000000 
_atom_sites.fract_transf_matrix[3][1]   0.000000 
_atom_sites.fract_transf_matrix[3][2]   0.000000 
_atom_sites.fract_transf_matrix[3][3]   1.000000 
_atom_sites.fract_transf_vector[1]      0.00000 
_atom_sites.fract_transf_vector[2]      0.00000 
_atom_sites.fract_transf_vector[3]      0.00000 
# 
loop_
_atom_type.symbol 
C 
H 
N 
O 
S 
# 
loop_
_atom_site.group_PDB 
_atom_site.id 
_atom_site.type_symbol 
_atom_site.label_atom_id 
_atom_site.label_alt_id 
_atom_site.label_comp_id 
_atom_site.label_asym_id 
_atom_site.label_entity_id 
_atom_site.label_seq_id 
_atom_site.pdbx_PDB_ins_code 
_atom_site.Cartn_x 
_atom_site.Cartn_y 
_atom_site.Cartn_z 
_atom_site.occupancy 
_atom_site.B_iso_or_equiv 
_atom_site.pdbx_formal_charge 
_atom_site.auth_seq_id 
_atom_site.auth_comp_id 
_atom_site.auth_asym_id 
_atom_site.auth_atom_id 
_atom_site.pdbx_PDB_model_num 
ATOM 1   N N    . MET A 1 1  ? -23.632 -2.646  -8.937  1.00 0.00 ? 140 MET A N    1 
ATOM 2   C CA   . MET A 1 1  ? -23.141 -1.742  -7.884  1.00 0.00 ? 140 MET A CA   1 
ATOM 3   C C    . MET A 1 1  ? -21.669 -2.032  -7.592  1.00 0.00 ? 140 MET A C    1 
ATOM 4   O O    . MET A 1 1  ? -20.818 -1.192  -7.861  1.00 0.00 ? 140 MET A O    1 
ATOM 5   C CB   . MET A 1 1  ? -24.001 -1.882  -6.617  1.00 0.00 ? 140 MET A CB   1 
ATOM 6   C CG   . MET A 1 1  ? -23.629 -0.800  -5.594  1.00 0.00 ? 140 MET A CG   1 
ATOM 7   S SD   . MET A 1 1  ? -22.258 -1.252  -4.501  1.00 0.00 ? 140 MET A SD   1 
ATOM 8   C CE   . MET A 1 1  ? -22.102 0.296   -3.579  1.00 0.00 ? 140 MET A CE   1 
ATOM 9   H H1   . MET A 1 1  ? -23.063 -2.537  -9.765  1.00 0.00 ? 140 MET A H1   1 
ATOM 10  H H2   . MET A 1 1  ? -23.577 -3.601  -8.614  1.00 0.00 ? 140 MET A H2   1 
ATOM 11  H H3   . MET A 1 1  ? -24.592 -2.419  -9.155  1.00 0.00 ? 140 MET A H3   1 
ATOM 12  H HA   . MET A 1 1  ? -23.225 -0.717  -8.247  1.00 0.00 ? 140 MET A HA   1 
ATOM 13  H HB2  . MET A 1 1  ? -25.053 -1.770  -6.885  1.00 0.00 ? 140 MET A HB2  1 
ATOM 14  H HB3  . MET A 1 1  ? -23.850 -2.868  -6.176  1.00 0.00 ? 140 MET A HB3  1 
ATOM 15  H HG2  . MET A 1 1  ? -23.361 0.112   -6.131  1.00 0.00 ? 140 MET A HG2  1 
ATOM 16  H HG3  . MET A 1 1  ? -24.504 -0.593  -4.977  1.00 0.00 ? 140 MET A HG3  1 
ATOM 17  H HE1  . MET A 1 1  ? -23.040 0.510   -3.066  1.00 0.00 ? 140 MET A HE1  1 
ATOM 18  H HE2  . MET A 1 1  ? -21.301 0.204   -2.847  1.00 0.00 ? 140 MET A HE2  1 
ATOM 19  H HE3  . MET A 1 1  ? -21.872 1.109   -4.270  1.00 0.00 ? 140 MET A HE3  1 
ATOM 20  N N    . GLU A 1 2  ? -21.386 -3.230  -7.049  1.00 0.00 ? 141 GLU A N    1 
ATOM 21  C CA   . GLU A 1 2  ? -20.027 -3.665  -6.732  1.00 0.00 ? 141 GLU A CA   1 
ATOM 22  C C    . GLU A 1 2  ? -19.417 -2.778  -5.640  1.00 0.00 ? 141 GLU A C    1 
ATOM 23  O O    . GLU A 1 2  ? -18.955 -1.671  -5.909  1.00 0.00 ? 141 GLU A O    1 
ATOM 24  C CB   . GLU A 1 2  ? -19.165 -3.663  -8.003  1.00 0.00 ? 141 GLU A CB   1 
ATOM 25  C CG   . GLU A 1 2  ? -17.872 -4.443  -7.745  1.00 0.00 ? 141 GLU A CG   1 
ATOM 26  C CD   . GLU A 1 2  ? -17.025 -4.553  -9.007  1.00 0.00 ? 141 GLU A CD   1 
ATOM 27  O OE1  . GLU A 1 2  ? -17.441 -3.966  -10.031 1.00 0.00 ? 141 GLU A OE1  1 
ATOM 28  O OE2  . GLU A 1 2  ? -15.975 -5.223  -8.920  1.00 0.00 ? 141 GLU A OE2  1 
ATOM 29  H H    . GLU A 1 2  ? -22.139 -3.870  -6.849  1.00 0.00 ? 141 GLU A H    1 
ATOM 30  H HA   . GLU A 1 2  ? -20.079 -4.689  -6.356  1.00 0.00 ? 141 GLU A HA   1 
ATOM 31  H HB2  . GLU A 1 2  ? -19.716 -4.138  -8.814  1.00 0.00 ? 141 GLU A HB2  1 
ATOM 32  H HB3  . GLU A 1 2  ? -18.921 -2.637  -8.283  1.00 0.00 ? 141 GLU A HB3  1 
ATOM 33  H HG2  . GLU A 1 2  ? -17.296 -3.929  -6.976  1.00 0.00 ? 141 GLU A HG2  1 
ATOM 34  H HG3  . GLU A 1 2  ? -18.123 -5.444  -7.396  1.00 0.00 ? 141 GLU A HG3  1 
ATOM 35  N N    . VAL A 1 3  ? -19.416 -3.282  -4.400  1.00 0.00 ? 142 VAL A N    1 
ATOM 36  C CA   . VAL A 1 3  ? -18.868 -2.551  -3.266  1.00 0.00 ? 142 VAL A CA   1 
ATOM 37  C C    . VAL A 1 3  ? -17.368 -2.319  -3.475  1.00 0.00 ? 142 VAL A C    1 
ATOM 38  O O    . VAL A 1 3  ? -16.687 -3.150  -4.087  1.00 0.00 ? 142 VAL A O    1 
ATOM 39  C CB   . VAL A 1 3  ? -19.128 -3.348  -1.975  1.00 0.00 ? 142 VAL A CB   1 
ATOM 40  C CG1  . VAL A 1 3  ? -18.521 -2.619  -0.773  1.00 0.00 ? 142 VAL A CG1  1 
ATOM 41  C CG2  . VAL A 1 3  ? -20.637 -3.506  -1.759  1.00 0.00 ? 142 VAL A CG2  1 
ATOM 42  H H    . VAL A 1 3  ? -19.806 -4.195  -4.233  1.00 0.00 ? 142 VAL A H    1 
ATOM 43  H HA   . VAL A 1 3  ? -19.368 -1.585  -3.191  1.00 0.00 ? 142 VAL A HA   1 
ATOM 44  H HB   . VAL A 1 3  ? -18.672 -4.337  -2.063  1.00 0.00 ? 142 VAL A HB   1 
ATOM 45  H HG11 . VAL A 1 3  ? -18.847 -1.578  -0.773  1.00 0.00 ? 142 VAL A HG11 1 
ATOM 46  H HG12 . VAL A 1 3  ? -18.847 -3.100  0.148   1.00 0.00 ? 142 VAL A HG12 1 
ATOM 47  H HG13 . VAL A 1 3  ? -17.432 -2.656  -0.832  1.00 0.00 ? 142 VAL A HG13 1 
ATOM 48  H HG21 . VAL A 1 3  ? -21.104 -2.521  -1.722  1.00 0.00 ? 142 VAL A HG21 1 
ATOM 49  H HG22 . VAL A 1 3  ? -21.067 -4.079  -2.580  1.00 0.00 ? 142 VAL A HG22 1 
ATOM 50  H HG23 . VAL A 1 3  ? -20.817 -4.028  -0.820  1.00 0.00 ? 142 VAL A HG23 1 
ATOM 51  N N    . LYS A 1 4  ? -16.862 -1.186  -2.964  1.00 0.00 ? 143 LYS A N    1 
ATOM 52  C CA   . LYS A 1 4  ? -15.453 -0.831  -3.077  1.00 0.00 ? 143 LYS A CA   1 
ATOM 53  C C    . LYS A 1 4  ? -14.602 -1.837  -2.298  1.00 0.00 ? 143 LYS A C    1 
ATOM 54  O O    . LYS A 1 4  ? -14.326 -1.641  -1.118  1.00 0.00 ? 143 LYS A O    1 
ATOM 55  C CB   . LYS A 1 4  ? -15.254 0.592   -2.535  1.00 0.00 ? 143 LYS A CB   1 
ATOM 56  C CG   . LYS A 1 4  ? -13.803 1.042   -2.749  1.00 0.00 ? 143 LYS A CG   1 
ATOM 57  C CD   . LYS A 1 4  ? -13.538 2.315   -1.942  1.00 0.00 ? 143 LYS A CD   1 
ATOM 58  C CE   . LYS A 1 4  ? -12.069 2.719   -2.083  1.00 0.00 ? 143 LYS A CE   1 
ATOM 59  N NZ   . LYS A 1 4  ? -11.754 3.882   -1.234  1.00 0.00 ? 143 LYS A NZ   1 
ATOM 60  H H    . LYS A 1 4  ? -17.472 -0.548  -2.475  1.00 0.00 ? 143 LYS A H    1 
ATOM 61  H HA   . LYS A 1 4  ? -15.164 -0.852  -4.128  1.00 0.00 ? 143 LYS A HA   1 
ATOM 62  H HB2  . LYS A 1 4  ? -15.924 1.275   -3.057  1.00 0.00 ? 143 LYS A HB2  1 
ATOM 63  H HB3  . LYS A 1 4  ? -15.487 0.608   -1.469  1.00 0.00 ? 143 LYS A HB3  1 
ATOM 64  H HG2  . LYS A 1 4  ? -13.122 0.259   -2.414  1.00 0.00 ? 143 LYS A HG2  1 
ATOM 65  H HG3  . LYS A 1 4  ? -13.637 1.240   -3.808  1.00 0.00 ? 143 LYS A HG3  1 
ATOM 66  H HD2  . LYS A 1 4  ? -14.176 3.120   -2.314  1.00 0.00 ? 143 LYS A HD2  1 
ATOM 67  H HD3  . LYS A 1 4  ? -13.766 2.132   -0.890  1.00 0.00 ? 143 LYS A HD3  1 
ATOM 68  H HE2  . LYS A 1 4  ? -11.437 1.880   -1.788  1.00 0.00 ? 143 LYS A HE2  1 
ATOM 69  H HE3  . LYS A 1 4  ? -11.864 2.970   -3.126  1.00 0.00 ? 143 LYS A HE3  1 
ATOM 70  H HZ1  . LYS A 1 4  ? -12.331 4.664   -1.505  1.00 0.00 ? 143 LYS A HZ1  1 
ATOM 71  H HZ2  . LYS A 1 4  ? -11.933 3.650   -0.265  1.00 0.00 ? 143 LYS A HZ2  1 
ATOM 72  H HZ3  . LYS A 1 4  ? -10.781 4.128   -1.346  1.00 0.00 ? 143 LYS A HZ3  1 
ATOM 73  N N    . LYS A 1 5  ? -14.190 -2.912  -2.972  1.00 0.00 ? 144 LYS A N    1 
ATOM 74  C CA   . LYS A 1 5  ? -13.371 -3.946  -2.361  1.00 0.00 ? 144 LYS A CA   1 
ATOM 75  C C    . LYS A 1 5  ? -11.892 -3.599  -2.522  1.00 0.00 ? 144 LYS A C    1 
ATOM 76  O O    . LYS A 1 5  ? -11.521 -2.851  -3.431  1.00 0.00 ? 144 LYS A O    1 
ATOM 77  C CB   . LYS A 1 5  ? -13.695 -5.297  -3.011  1.00 0.00 ? 144 LYS A CB   1 
ATOM 78  C CG   . LYS A 1 5  ? -13.184 -5.328  -4.460  1.00 0.00 ? 144 LYS A CG   1 
ATOM 79  C CD   . LYS A 1 5  ? -13.775 -6.534  -5.202  1.00 0.00 ? 144 LYS A CD   1 
ATOM 80  C CE   . LYS A 1 5  ? -14.981 -6.101  -6.046  1.00 0.00 ? 144 LYS A CE   1 
ATOM 81  N NZ   . LYS A 1 5  ? -16.109 -5.666  -5.201  1.00 0.00 ? 144 LYS A NZ   1 
ATOM 82  H H    . LYS A 1 5  ? -14.451 -3.020  -3.940  1.00 0.00 ? 144 LYS A H    1 
ATOM 83  H HA   . LYS A 1 5  ? -13.607 -4.004  -1.296  1.00 0.00 ? 144 LYS A HA   1 
ATOM 84  H HB2  . LYS A 1 5  ? -13.212 -6.095  -2.444  1.00 0.00 ? 144 LYS A HB2  1 
ATOM 85  H HB3  . LYS A 1 5  ? -14.772 -5.453  -3.000  1.00 0.00 ? 144 LYS A HB3  1 
ATOM 86  H HG2  . LYS A 1 5  ? -13.470 -4.409  -4.974  1.00 0.00 ? 144 LYS A HG2  1 
ATOM 87  H HG3  . LYS A 1 5  ? -12.097 -5.411  -4.456  1.00 0.00 ? 144 LYS A HG3  1 
ATOM 88  H HD2  . LYS A 1 5  ? -13.014 -6.958  -5.860  1.00 0.00 ? 144 LYS A HD2  1 
ATOM 89  H HD3  . LYS A 1 5  ? -14.085 -7.291  -4.481  1.00 0.00 ? 144 LYS A HD3  1 
ATOM 90  H HE2  . LYS A 1 5  ? -14.686 -5.279  -6.700  1.00 0.00 ? 144 LYS A HE2  1 
ATOM 91  H HE3  . LYS A 1 5  ? -15.303 -6.942  -6.660  1.00 0.00 ? 144 LYS A HE3  1 
ATOM 92  H HZ1  . LYS A 1 5  ? -16.299 -6.372  -4.505  1.00 0.00 ? 144 LYS A HZ1  1 
ATOM 93  H HZ2  . LYS A 1 5  ? -15.877 -4.791  -4.744  1.00 0.00 ? 144 LYS A HZ2  1 
ATOM 94  H HZ3  . LYS A 1 5  ? -16.926 -5.534  -5.777  1.00 0.00 ? 144 LYS A HZ3  1 
ATOM 95  N N    . THR A 1 6  ? -11.051 -4.150  -1.642  1.00 0.00 ? 145 THR A N    1 
ATOM 96  C CA   . THR A 1 6  ? -9.616  -3.925  -1.690  1.00 0.00 ? 145 THR A CA   1 
ATOM 97  C C    . THR A 1 6  ? -9.039  -4.650  -2.909  1.00 0.00 ? 145 THR A C    1 
ATOM 98  O O    . THR A 1 6  ? -8.560  -5.777  -2.797  1.00 0.00 ? 145 THR A O    1 
ATOM 99  C CB   . THR A 1 6  ? -8.987  -4.430  -0.384  1.00 0.00 ? 145 THR A CB   1 
ATOM 100 O OG1  . THR A 1 6  ? -9.722  -3.928  0.713   1.00 0.00 ? 145 THR A OG1  1 
ATOM 101 C CG2  . THR A 1 6  ? -7.539  -3.953  -0.280  1.00 0.00 ? 145 THR A CG2  1 
ATOM 102 H H    . THR A 1 6  ? -11.412 -4.749  -0.913  1.00 0.00 ? 145 THR A H    1 
ATOM 103 H HA   . THR A 1 6  ? -9.425  -2.854  -1.788  1.00 0.00 ? 145 THR A HA   1 
ATOM 104 H HB   . THR A 1 6  ? -9.014  -5.520  -0.363  1.00 0.00 ? 145 THR A HB   1 
ATOM 105 H HG1  . THR A 1 6  ? -9.689  -2.969  0.690   1.00 0.00 ? 145 THR A HG1  1 
ATOM 106 H HG21 . THR A 1 6  ? -7.509  -2.865  -0.318  1.00 0.00 ? 145 THR A HG21 1 
ATOM 107 H HG22 . THR A 1 6  ? -7.111  -4.296  0.662   1.00 0.00 ? 145 THR A HG22 1 
ATOM 108 H HG23 . THR A 1 6  ? -6.962  -4.360  -1.108  1.00 0.00 ? 145 THR A HG23 1 
ATOM 109 N N    . SER A 1 7  ? -9.098  -3.998  -4.077  1.00 0.00 ? 146 SER A N    1 
ATOM 110 C CA   . SER A 1 7  ? -8.635  -4.584  -5.329  1.00 0.00 ? 146 SER A CA   1 
ATOM 111 C C    . SER A 1 7  ? -7.111  -4.469  -5.462  1.00 0.00 ? 146 SER A C    1 
ATOM 112 O O    . SER A 1 7  ? -6.605  -4.118  -6.531  1.00 0.00 ? 146 SER A O    1 
ATOM 113 C CB   . SER A 1 7  ? -9.339  -3.878  -6.490  1.00 0.00 ? 146 SER A CB   1 
ATOM 114 O OG   . SER A 1 7  ? -10.739 -3.893  -6.276  1.00 0.00 ? 146 SER A OG   1 
ATOM 115 H H    . SER A 1 7  ? -9.489  -3.066  -4.102  1.00 0.00 ? 146 SER A H    1 
ATOM 116 H HA   . SER A 1 7  ? -8.908  -5.640  -5.346  1.00 0.00 ? 146 SER A HA   1 
ATOM 117 H HB2  . SER A 1 7  ? -8.994  -2.845  -6.554  1.00 0.00 ? 146 SER A HB2  1 
ATOM 118 H HB3  . SER A 1 7  ? -9.109  -4.394  -7.424  1.00 0.00 ? 146 SER A HB3  1 
ATOM 119 H HG   . SER A 1 7  ? -10.929 -3.445  -5.447  1.00 0.00 ? 146 SER A HG   1 
ATOM 120 N N    . TRP A 1 8  ? -6.386  -4.765  -4.382  1.00 0.00 ? 147 TRP A N    1 
ATOM 121 C CA   . TRP A 1 8  ? -4.932  -4.746  -4.391  1.00 0.00 ? 147 TRP A CA   1 
ATOM 122 C C    . TRP A 1 8  ? -4.411  -6.134  -4.738  1.00 0.00 ? 147 TRP A C    1 
ATOM 123 O O    . TRP A 1 8  ? -4.940  -7.133  -4.251  1.00 0.00 ? 147 TRP A O    1 
ATOM 124 C CB   . TRP A 1 8  ? -4.419  -4.302  -3.025  1.00 0.00 ? 147 TRP A CB   1 
ATOM 125 C CG   . TRP A 1 8  ? -4.404  -2.823  -2.824  1.00 0.00 ? 147 TRP A CG   1 
ATOM 126 C CD1  . TRP A 1 8  ? -5.485  -2.032  -2.712  1.00 0.00 ? 147 TRP A CD1  1 
ATOM 127 C CD2  . TRP A 1 8  ? -3.258  -1.929  -2.711  1.00 0.00 ? 147 TRP A CD2  1 
ATOM 128 N NE1  . TRP A 1 8  ? -5.119  -0.719  -2.538  1.00 0.00 ? 147 TRP A NE1  1 
ATOM 129 C CE2  . TRP A 1 8  ? -3.741  -0.593  -2.532  1.00 0.00 ? 147 TRP A CE2  1 
ATOM 130 C CE3  . TRP A 1 8  ? -1.854  -2.102  -2.739  1.00 0.00 ? 147 TRP A CE3  1 
ATOM 131 C CZ2  . TRP A 1 8  ? -2.884  0.499   -2.393  1.00 0.00 ? 147 TRP A CZ2  1 
ATOM 132 C CZ3  . TRP A 1 8  ? -0.985  -1.001  -2.600  1.00 0.00 ? 147 TRP A CZ3  1 
ATOM 133 C CH2  . TRP A 1 8  ? -1.501  0.295   -2.430  1.00 0.00 ? 147 TRP A CH2  1 
ATOM 134 H H    . TRP A 1 8  ? -6.851  -5.032  -3.527  1.00 0.00 ? 147 TRP A H    1 
ATOM 135 H HA   . TRP A 1 8  ? -4.585  -4.040  -5.142  1.00 0.00 ? 147 TRP A HA   1 
ATOM 136 H HB2  . TRP A 1 8  ? -5.043  -4.754  -2.256  1.00 0.00 ? 147 TRP A HB2  1 
ATOM 137 H HB3  . TRP A 1 8  ? -3.401  -4.674  -2.903  1.00 0.00 ? 147 TRP A HB3  1 
ATOM 138 H HD1  . TRP A 1 8  ? -6.505  -2.381  -2.753  1.00 0.00 ? 147 TRP A HD1  1 
ATOM 139 H HE1  . TRP A 1 8  ? -5.750  0.061   -2.429  1.00 0.00 ? 147 TRP A HE1  1 
ATOM 140 H HE3  . TRP A 1 8  ? -1.442  -3.092  -2.871  1.00 0.00 ? 147 TRP A HE3  1 
ATOM 141 H HZ2  . TRP A 1 8  ? -3.285  1.493   -2.258  1.00 0.00 ? 147 TRP A HZ2  1 
ATOM 142 H HZ3  . TRP A 1 8  ? 0.087   -1.154  -2.621  1.00 0.00 ? 147 TRP A HZ3  1 
ATOM 143 H HH2  . TRP A 1 8  ? -0.832  1.131   -2.331  1.00 0.00 ? 147 TRP A HH2  1 
ATOM 144 N N    . THR A 1 9  ? -3.369  -6.200  -5.570  1.00 0.00 ? 148 THR A N    1 
ATOM 145 C CA   . THR A 1 9  ? -2.770  -7.471  -5.942  1.00 0.00 ? 148 THR A CA   1 
ATOM 146 C C    . THR A 1 9  ? -1.741  -7.867  -4.886  1.00 0.00 ? 148 THR A C    1 
ATOM 147 O O    . THR A 1 9  ? -1.198  -7.006  -4.190  1.00 0.00 ? 148 THR A O    1 
ATOM 148 C CB   . THR A 1 9  ? -2.112  -7.353  -7.321  1.00 0.00 ? 148 THR A CB   1 
ATOM 149 O OG1  . THR A 1 9  ? -1.084  -6.392  -7.275  1.00 0.00 ? 148 THR A OG1  1 
ATOM 150 C CG2  . THR A 1 9  ? -3.151  -6.941  -8.367  1.00 0.00 ? 148 THR A CG2  1 
ATOM 151 H H    . THR A 1 9  ? -2.973  -5.347  -5.953  1.00 0.00 ? 148 THR A H    1 
ATOM 152 H HA   . THR A 1 9  ? -3.548  -8.236  -5.986  1.00 0.00 ? 148 THR A HA   1 
ATOM 153 H HB   . THR A 1 9  ? -1.686  -8.319  -7.600  1.00 0.00 ? 148 THR A HB   1 
ATOM 154 H HG1  . THR A 1 9  ? -1.482  -5.523  -7.127  1.00 0.00 ? 148 THR A HG1  1 
ATOM 155 H HG21 . THR A 1 9  ? -3.979  -7.652  -8.358  1.00 0.00 ? 148 THR A HG21 1 
ATOM 156 H HG22 . THR A 1 9  ? -3.529  -5.944  -8.136  1.00 0.00 ? 148 THR A HG22 1 
ATOM 157 H HG23 . THR A 1 9  ? -2.691  -6.936  -9.356  1.00 0.00 ? 148 THR A HG23 1 
ATOM 158 N N    . GLU A 1 10 ? -1.467  -9.170  -4.770  1.00 0.00 ? 149 GLU A N    1 
ATOM 159 C CA   . GLU A 1 10 ? -0.488  -9.663  -3.814  1.00 0.00 ? 149 GLU A CA   1 
ATOM 160 C C    . GLU A 1 10 ? 0.877   -9.054  -4.126  1.00 0.00 ? 149 GLU A C    1 
ATOM 161 O O    . GLU A 1 10 ? 1.647   -8.761  -3.219  1.00 0.00 ? 149 GLU A O    1 
ATOM 162 C CB   . GLU A 1 10 ? -0.426  -11.190 -3.885  1.00 0.00 ? 149 GLU A CB   1 
ATOM 163 C CG   . GLU A 1 10 ? 0.116   -11.753 -2.570  1.00 0.00 ? 149 GLU A CG   1 
ATOM 164 C CD   . GLU A 1 10 ? 0.332   -13.256 -2.671  1.00 0.00 ? 149 GLU A CD   1 
ATOM 165 O OE1  . GLU A 1 10 ? 1.333   -13.642 -3.317  1.00 0.00 ? 149 GLU A OE1  1 
ATOM 166 O OE2  . GLU A 1 10 ? -0.503  -13.991 -2.104  1.00 0.00 ? 149 GLU A OE2  1 
ATOM 167 H H    . GLU A 1 10 ? -1.942  -9.837  -5.359  1.00 0.00 ? 149 GLU A H    1 
ATOM 168 H HA   . GLU A 1 10 ? -0.794  -9.365  -2.809  1.00 0.00 ? 149 GLU A HA   1 
ATOM 169 H HB2  . GLU A 1 10 ? -1.425  -11.590 -4.061  1.00 0.00 ? 149 GLU A HB2  1 
ATOM 170 H HB3  . GLU A 1 10 ? 0.231   -11.487 -4.702  1.00 0.00 ? 149 GLU A HB3  1 
ATOM 171 H HG2  . GLU A 1 10 ? 1.066   -11.271 -2.336  1.00 0.00 ? 149 GLU A HG2  1 
ATOM 172 H HG3  . GLU A 1 10 ? -0.595  -11.545 -1.769  1.00 0.00 ? 149 GLU A HG3  1 
ATOM 173 N N    . GLU A 1 11 ? 1.168   -8.867  -5.421  1.00 0.00 ? 150 GLU A N    1 
ATOM 174 C CA   . GLU A 1 11 ? 2.428   -8.293  -5.865  1.00 0.00 ? 150 GLU A CA   1 
ATOM 175 C C    . GLU A 1 11 ? 2.579   -6.874  -5.316  1.00 0.00 ? 150 GLU A C    1 
ATOM 176 O O    . GLU A 1 11 ? 3.616   -6.542  -4.742  1.00 0.00 ? 150 GLU A O    1 
ATOM 177 C CB   . GLU A 1 11 ? 2.473   -8.292  -7.393  1.00 0.00 ? 150 GLU A CB   1 
ATOM 178 C CG   . GLU A 1 11 ? 2.496   -9.734  -7.909  1.00 0.00 ? 150 GLU A CG   1 
ATOM 179 C CD   . GLU A 1 11 ? 2.549   -9.763  -9.430  1.00 0.00 ? 150 GLU A CD   1 
ATOM 180 O OE1  . GLU A 1 11 ? 1.468   -9.600  -10.038 1.00 0.00 ? 150 GLU A OE1  1 
ATOM 181 O OE2  . GLU A 1 11 ? 3.667   -9.946  -9.958  1.00 0.00 ? 150 GLU A OE2  1 
ATOM 182 H H    . GLU A 1 11 ? 0.493   -9.128  -6.125  1.00 0.00 ? 150 GLU A H    1 
ATOM 183 H HA   . GLU A 1 11 ? 3.248   -8.905  -5.488  1.00 0.00 ? 150 GLU A HA   1 
ATOM 184 H HB2  . GLU A 1 11 ? 1.592   -7.781  -7.785  1.00 0.00 ? 150 GLU A HB2  1 
ATOM 185 H HB3  . GLU A 1 11 ? 3.373   -7.774  -7.730  1.00 0.00 ? 150 GLU A HB3  1 
ATOM 186 H HG2  . GLU A 1 11 ? 3.373   -10.245 -7.513  1.00 0.00 ? 150 GLU A HG2  1 
ATOM 187 H HG3  . GLU A 1 11 ? 1.599   -10.253 -7.576  1.00 0.00 ? 150 GLU A HG3  1 
ATOM 188 N N    . GLU A 1 12 ? 1.542   -6.039  -5.486  1.00 0.00 ? 151 GLU A N    1 
ATOM 189 C CA   . GLU A 1 12 ? 1.566   -4.672  -4.986  1.00 0.00 ? 151 GLU A CA   1 
ATOM 190 C C    . GLU A 1 12 ? 1.868   -4.682  -3.492  1.00 0.00 ? 151 GLU A C    1 
ATOM 191 O O    . GLU A 1 12 ? 2.774   -3.990  -3.042  1.00 0.00 ? 151 GLU A O    1 
ATOM 192 C CB   . GLU A 1 12 ? 0.219   -3.994  -5.248  1.00 0.00 ? 151 GLU A CB   1 
ATOM 193 C CG   . GLU A 1 12 ? 0.115   -3.571  -6.713  1.00 0.00 ? 151 GLU A CG   1 
ATOM 194 C CD   . GLU A 1 12 ? -1.295  -3.097  -7.034  1.00 0.00 ? 151 GLU A CD   1 
ATOM 195 O OE1  . GLU A 1 12 ? -2.233  -3.904  -6.832  1.00 0.00 ? 151 GLU A OE1  1 
ATOM 196 O OE2  . GLU A 1 12 ? -1.423  -1.933  -7.468  1.00 0.00 ? 151 GLU A OE2  1 
ATOM 197 H H    . GLU A 1 12 ? 0.712   -6.359  -5.971  1.00 0.00 ? 151 GLU A H    1 
ATOM 198 H HA   . GLU A 1 12 ? 2.350   -4.117  -5.504  1.00 0.00 ? 151 GLU A HA   1 
ATOM 199 H HB2  . GLU A 1 12 ? -0.588  -4.687  -5.009  1.00 0.00 ? 151 GLU A HB2  1 
ATOM 200 H HB3  . GLU A 1 12 ? 0.131   -3.111  -4.616  1.00 0.00 ? 151 GLU A HB3  1 
ATOM 201 H HG2  . GLU A 1 12 ? 0.817   -2.760  -6.904  1.00 0.00 ? 151 GLU A HG2  1 
ATOM 202 H HG3  . GLU A 1 12 ? 0.365   -4.416  -7.354  1.00 0.00 ? 151 GLU A HG3  1 
ATOM 203 N N    . ASP A 1 13 ? 1.105   -5.475  -2.730  1.00 0.00 ? 152 ASP A N    1 
ATOM 204 C CA   . ASP A 1 13 ? 1.288   -5.581  -1.287  1.00 0.00 ? 152 ASP A CA   1 
ATOM 205 C C    . ASP A 1 13 ? 2.719   -6.023  -0.966  1.00 0.00 ? 152 ASP A C    1 
ATOM 206 O O    . ASP A 1 13 ? 3.341   -5.496  -0.042  1.00 0.00 ? 152 ASP A O    1 
ATOM 207 C CB   . ASP A 1 13 ? 0.274   -6.576  -0.724  1.00 0.00 ? 152 ASP A CB   1 
ATOM 208 C CG   . ASP A 1 13 ? 0.514   -6.814  0.761   1.00 0.00 ? 152 ASP A CG   1 
ATOM 209 O OD1  . ASP A 1 13 ? 0.180   -5.900  1.547   1.00 0.00 ? 152 ASP A OD1  1 
ATOM 210 O OD2  . ASP A 1 13 ? 1.032   -7.906  1.082   1.00 0.00 ? 152 ASP A OD2  1 
ATOM 211 H H    . ASP A 1 13 ? 0.371   -6.027  -3.160  1.00 0.00 ? 152 ASP A H    1 
ATOM 212 H HA   . ASP A 1 13 ? 1.112   -4.605  -0.837  1.00 0.00 ? 152 ASP A HA   1 
ATOM 213 H HB2  . ASP A 1 13 ? -0.732  -6.180  -0.864  1.00 0.00 ? 152 ASP A HB2  1 
ATOM 214 H HB3  . ASP A 1 13 ? 0.364   -7.523  -1.256  1.00 0.00 ? 152 ASP A HB3  1 
ATOM 215 N N    . ARG A 1 14 ? 3.244   -6.989  -1.734  1.00 0.00 ? 153 ARG A N    1 
ATOM 216 C CA   . ARG A 1 14 ? 4.598   -7.487  -1.536  1.00 0.00 ? 153 ARG A CA   1 
ATOM 217 C C    . ARG A 1 14 ? 5.588   -6.325  -1.607  1.00 0.00 ? 153 ARG A C    1 
ATOM 218 O O    . ARG A 1 14 ? 6.337   -6.082  -0.663  1.00 0.00 ? 153 ARG A O    1 
ATOM 219 C CB   . ARG A 1 14 ? 4.928   -8.538  -2.609  1.00 0.00 ? 153 ARG A CB   1 
ATOM 220 C CG   . ARG A 1 14 ? 5.428   -9.822  -1.944  1.00 0.00 ? 153 ARG A CG   1 
ATOM 221 C CD   . ARG A 1 14 ? 5.932   -10.795 -3.017  1.00 0.00 ? 153 ARG A CD   1 
ATOM 222 N NE   . ARG A 1 14 ? 4.900   -11.049 -4.034  1.00 0.00 ? 153 ARG A NE   1 
ATOM 223 C CZ   . ARG A 1 14 ? 3.844   -11.856 -3.834  1.00 0.00 ? 153 ARG A CZ   1 
ATOM 224 N NH1  . ARG A 1 14 ? 3.696   -12.505 -2.674  1.00 0.00 ? 153 ARG A NH1  1 
ATOM 225 N NH2  . ARG A 1 14 ? 2.932   -12.017 -4.795  1.00 0.00 ? 153 ARG A NH2  1 
ATOM 226 H H    . ARG A 1 14 ? 2.689   -7.389  -2.478  1.00 0.00 ? 153 ARG A H    1 
ATOM 227 H HA   . ARG A 1 14 ? 4.657   -7.952  -0.554  1.00 0.00 ? 153 ARG A HA   1 
ATOM 228 H HB2  . ARG A 1 14 ? 4.037   -8.757  -3.191  1.00 0.00 ? 153 ARG A HB2  1 
ATOM 229 H HB3  . ARG A 1 14 ? 5.703   -8.152  -3.272  1.00 0.00 ? 153 ARG A HB3  1 
ATOM 230 H HG2  . ARG A 1 14 ? 6.243   -9.584  -1.261  1.00 0.00 ? 153 ARG A HG2  1 
ATOM 231 H HG3  . ARG A 1 14 ? 4.610   -10.284 -1.386  1.00 0.00 ? 153 ARG A HG3  1 
ATOM 232 H HD2  . ARG A 1 14 ? 6.809   -10.364 -3.500  1.00 0.00 ? 153 ARG A HD2  1 
ATOM 233 H HD3  . ARG A 1 14 ? 6.215   -11.737 -2.544  1.00 0.00 ? 153 ARG A HD3  1 
ATOM 234 H HE   . ARG A 1 14 ? 5.003   -10.586 -4.927  1.00 0.00 ? 153 ARG A HE   1 
ATOM 235 H HH11 . ARG A 1 14 ? 4.370   -12.383 -1.935  1.00 0.00 ? 153 ARG A HH11 1 
ATOM 236 H HH12 . ARG A 1 14 ? 2.897   -13.122 -2.540  1.00 0.00 ? 153 ARG A HH12 1 
ATOM 237 H HH21 . ARG A 1 14 ? 3.025   -11.529 -5.674  1.00 0.00 ? 153 ARG A HH21 1 
ATOM 238 H HH22 . ARG A 1 14 ? 2.138   -12.636 -4.638  1.00 0.00 ? 153 ARG A HH22 1 
ATOM 239 N N    . ILE A 1 15 ? 5.581   -5.609  -2.740  1.00 0.00 ? 154 ILE A N    1 
ATOM 240 C CA   . ILE A 1 15 ? 6.479   -4.486  -2.956  1.00 0.00 ? 154 ILE A CA   1 
ATOM 241 C C    . ILE A 1 15 ? 6.235   -3.407  -1.900  1.00 0.00 ? 154 ILE A C    1 
ATOM 242 O O    . ILE A 1 15 ? 7.179   -2.763  -1.451  1.00 0.00 ? 154 ILE A O    1 
ATOM 243 C CB   . ILE A 1 15 ? 6.257   -3.919  -4.374  1.00 0.00 ? 154 ILE A CB   1 
ATOM 244 C CG1  . ILE A 1 15 ? 6.584   -4.986  -5.445  1.00 0.00 ? 154 ILE A CG1  1 
ATOM 245 C CG2  . ILE A 1 15 ? 7.135   -2.679  -4.583  1.00 0.00 ? 154 ILE A CG2  1 
ATOM 246 C CD1  . ILE A 1 15 ? 8.096   -5.231  -5.544  1.00 0.00 ? 154 ILE A CD1  1 
ATOM 247 H H    . ILE A 1 15 ? 4.932   -5.854  -3.478  1.00 0.00 ? 154 ILE A H    1 
ATOM 248 H HA   . ILE A 1 15 ? 7.506   -4.833  -2.868  1.00 0.00 ? 154 ILE A HA   1 
ATOM 249 H HB   . ILE A 1 15 ? 5.210   -3.631  -4.477  1.00 0.00 ? 154 ILE A HB   1 
ATOM 250 H HG12 . ILE A 1 15 ? 6.086   -5.920  -5.191  1.00 0.00 ? 154 ILE A HG12 1 
ATOM 251 H HG13 . ILE A 1 15 ? 6.217   -4.639  -6.411  1.00 0.00 ? 154 ILE A HG13 1 
ATOM 252 H HG21 . ILE A 1 15 ? 8.150   -2.885  -4.241  1.00 0.00 ? 154 ILE A HG21 1 
ATOM 253 H HG22 . ILE A 1 15 ? 7.154   -2.420  -5.643  1.00 0.00 ? 154 ILE A HG22 1 
ATOM 254 H HG23 . ILE A 1 15 ? 6.726   -1.843  -4.016  1.00 0.00 ? 154 ILE A HG23 1 
ATOM 255 H HD11 . ILE A 1 15 ? 8.489   -5.518  -4.572  1.00 0.00 ? 154 ILE A HD11 1 
ATOM 256 H HD12 . ILE A 1 15 ? 8.282   -6.033  -6.258  1.00 0.00 ? 154 ILE A HD12 1 
ATOM 257 H HD13 . ILE A 1 15 ? 8.595   -4.326  -5.886  1.00 0.00 ? 154 ILE A HD13 1 
ATOM 258 N N    . LEU A 1 16 ? 4.971   -3.210  -1.509  1.00 0.00 ? 155 LEU A N    1 
ATOM 259 C CA   . LEU A 1 16 ? 4.613   -2.206  -0.521  1.00 0.00 ? 155 LEU A CA   1 
ATOM 260 C C    . LEU A 1 16 ? 5.351   -2.477  0.791   1.00 0.00 ? 155 LEU A C    1 
ATOM 261 O O    . LEU A 1 16 ? 6.020   -1.593  1.317   1.00 0.00 ? 155 LEU A O    1 
ATOM 262 C CB   . LEU A 1 16 ? 3.089   -2.222  -0.312  1.00 0.00 ? 155 LEU A CB   1 
ATOM 263 C CG   . LEU A 1 16 ? 2.618   -0.949  0.406   1.00 0.00 ? 155 LEU A CG   1 
ATOM 264 C CD1  . LEU A 1 16 ? 2.904   0.275   -0.469  1.00 0.00 ? 155 LEU A CD1  1 
ATOM 265 C CD2  . LEU A 1 16 ? 1.114   -1.046  0.659   1.00 0.00 ? 155 LEU A CD2  1 
ATOM 266 H H    . LEU A 1 16 ? 4.232   -3.773  -1.908  1.00 0.00 ? 155 LEU A H    1 
ATOM 267 H HA   . LEU A 1 16 ? 4.914   -1.232  -0.899  1.00 0.00 ? 155 LEU A HA   1 
ATOM 268 H HB2  . LEU A 1 16 ? 2.596   -2.285  -1.279  1.00 0.00 ? 155 LEU A HB2  1 
ATOM 269 H HB3  . LEU A 1 16 ? 2.816   -3.091  0.286   1.00 0.00 ? 155 LEU A HB3  1 
ATOM 270 H HG   . LEU A 1 16 ? 3.136   -0.848  1.364   1.00 0.00 ? 155 LEU A HG   1 
ATOM 271 H HD11 . LEU A 1 16 ? 2.668   0.047   -1.506  1.00 0.00 ? 155 LEU A HD11 1 
ATOM 272 H HD12 . LEU A 1 16 ? 2.292   1.108   -0.138  1.00 0.00 ? 155 LEU A HD12 1 
ATOM 273 H HD13 . LEU A 1 16 ? 3.954   0.550   -0.388  1.00 0.00 ? 155 LEU A HD13 1 
ATOM 274 H HD21 . LEU A 1 16 ? 0.892   -1.983  1.172   1.00 0.00 ? 155 LEU A HD21 1 
ATOM 275 H HD22 . LEU A 1 16 ? 0.793   -0.210  1.280   1.00 0.00 ? 155 LEU A HD22 1 
ATOM 276 H HD23 . LEU A 1 16 ? 0.585   -1.019  -0.291  1.00 0.00 ? 155 LEU A HD23 1 
ATOM 277 N N    . TYR A 1 17 ? 5.224   -3.700  1.314   1.00 0.00 ? 156 TYR A N    1 
ATOM 278 C CA   . TYR A 1 17 ? 5.859   -4.076  2.568   1.00 0.00 ? 156 TYR A CA   1 
ATOM 279 C C    . TYR A 1 17 ? 7.381   -4.048  2.432   1.00 0.00 ? 156 TYR A C    1 
ATOM 280 O O    . TYR A 1 17 ? 8.070   -3.536  3.314   1.00 0.00 ? 156 TYR A O    1 
ATOM 281 C CB   . TYR A 1 17 ? 5.354   -5.463  2.993   1.00 0.00 ? 156 TYR A CB   1 
ATOM 282 C CG   . TYR A 1 17 ? 6.240   -6.172  3.999   1.00 0.00 ? 156 TYR A CG   1 
ATOM 283 C CD1  . TYR A 1 17 ? 7.335   -6.933  3.555   1.00 0.00 ? 156 TYR A CD1  1 
ATOM 284 C CD2  . TYR A 1 17 ? 5.962   -6.077  5.377   1.00 0.00 ? 156 TYR A CD2  1 
ATOM 285 C CE1  . TYR A 1 17 ? 8.159   -7.585  4.484   1.00 0.00 ? 156 TYR A CE1  1 
ATOM 286 C CE2  . TYR A 1 17 ? 6.789   -6.732  6.305   1.00 0.00 ? 156 TYR A CE2  1 
ATOM 287 C CZ   . TYR A 1 17 ? 7.890   -7.483  5.858   1.00 0.00 ? 156 TYR A CZ   1 
ATOM 288 O OH   . TYR A 1 17 ? 8.701   -8.112  6.756   1.00 0.00 ? 156 TYR A OH   1 
ATOM 289 H H    . TYR A 1 17 ? 4.665   -4.396  0.832   1.00 0.00 ? 156 TYR A H    1 
ATOM 290 H HA   . TYR A 1 17 ? 5.576   -3.354  3.325   1.00 0.00 ? 156 TYR A HA   1 
ATOM 291 H HB2  . TYR A 1 17 ? 4.358   -5.354  3.423   1.00 0.00 ? 156 TYR A HB2  1 
ATOM 292 H HB3  . TYR A 1 17 ? 5.275   -6.088  2.107   1.00 0.00 ? 156 TYR A HB3  1 
ATOM 293 H HD1  . TYR A 1 17 ? 7.544   -7.014  2.501   1.00 0.00 ? 156 TYR A HD1  1 
ATOM 294 H HD2  . TYR A 1 17 ? 5.118   -5.506  5.721   1.00 0.00 ? 156 TYR A HD2  1 
ATOM 295 H HE1  . TYR A 1 17 ? 8.999   -8.169  4.139   1.00 0.00 ? 156 TYR A HE1  1 
ATOM 296 H HE2  . TYR A 1 17 ? 6.575   -6.656  7.363   1.00 0.00 ? 156 TYR A HE2  1 
ATOM 297 H HH   . TYR A 1 17 ? 8.360   -8.086  7.655   1.00 0.00 ? 156 TYR A HH   1 
ATOM 298 N N    . GLN A 1 18 ? 7.905   -4.593  1.330   1.00 0.00 ? 157 GLN A N    1 
ATOM 299 C CA   . GLN A 1 18 ? 9.342   -4.619  1.095   1.00 0.00 ? 157 GLN A CA   1 
ATOM 300 C C    . GLN A 1 18 ? 9.899   -3.196  1.147   1.00 0.00 ? 157 GLN A C    1 
ATOM 301 O O    . GLN A 1 18 ? 10.868  -2.928  1.857   1.00 0.00 ? 157 GLN A O    1 
ATOM 302 C CB   . GLN A 1 18 ? 9.623   -5.254  -0.272  1.00 0.00 ? 157 GLN A CB   1 
ATOM 303 C CG   . GLN A 1 18 ? 9.398   -6.769  -0.203  1.00 0.00 ? 157 GLN A CG   1 
ATOM 304 C CD   . GLN A 1 18 ? 9.339   -7.374  -1.603  1.00 0.00 ? 157 GLN A CD   1 
ATOM 305 O OE1  . GLN A 1 18 ? 8.351   -8.002  -1.969  1.00 0.00 ? 157 GLN A OE1  1 
ATOM 306 N NE2  . GLN A 1 18 ? 10.403  -7.184  -2.385  1.00 0.00 ? 157 GLN A NE2  1 
ATOM 307 H H    . GLN A 1 18 ? 7.295   -5.003  0.632   1.00 0.00 ? 157 GLN A H    1 
ATOM 308 H HA   . GLN A 1 18 ? 9.821   -5.218  1.872   1.00 0.00 ? 157 GLN A HA   1 
ATOM 309 H HB2  . GLN A 1 18 ? 8.955   -4.820  -1.016  1.00 0.00 ? 157 GLN A HB2  1 
ATOM 310 H HB3  . GLN A 1 18 ? 10.657  -5.056  -0.556  1.00 0.00 ? 157 GLN A HB3  1 
ATOM 311 H HG2  . GLN A 1 18 ? 10.216  -7.228  0.351   1.00 0.00 ? 157 GLN A HG2  1 
ATOM 312 H HG3  . GLN A 1 18 ? 8.461   -6.972  0.312   1.00 0.00 ? 157 GLN A HG3  1 
ATOM 313 H HE21 . GLN A 1 18 ? 11.192  -6.662  -2.043  1.00 0.00 ? 157 GLN A HE21 1 
ATOM 314 H HE22 . GLN A 1 18 ? 10.411  -7.565  -3.320  1.00 0.00 ? 157 GLN A HE22 1 
ATOM 315 N N    . ALA A 1 19 ? 9.281   -2.290  0.387   1.00 0.00 ? 158 ALA A N    1 
ATOM 316 C CA   . ALA A 1 19 ? 9.716   -0.908  0.308   1.00 0.00 ? 158 ALA A CA   1 
ATOM 317 C C    . ALA A 1 19 ? 9.551   -0.202  1.650   1.00 0.00 ? 158 ALA A C    1 
ATOM 318 O O    . ALA A 1 19 ? 10.428  0.550   2.060   1.00 0.00 ? 158 ALA A O    1 
ATOM 319 C CB   . ALA A 1 19 ? 8.897   -0.188  -0.763  1.00 0.00 ? 158 ALA A CB   1 
ATOM 320 H H    . ALA A 1 19 ? 8.480   -2.568  -0.166  1.00 0.00 ? 158 ALA A H    1 
ATOM 321 H HA   . ALA A 1 19 ? 10.767  -0.886  0.022   1.00 0.00 ? 158 ALA A HA   1 
ATOM 322 H HB1  . ALA A 1 19 ? 8.954   -0.741  -1.700  1.00 0.00 ? 158 ALA A HB1  1 
ATOM 323 H HB2  . ALA A 1 19 ? 7.856   -0.120  -0.442  1.00 0.00 ? 158 ALA A HB2  1 
ATOM 324 H HB3  . ALA A 1 19 ? 9.296   0.815   -0.908  1.00 0.00 ? 158 ALA A HB3  1 
ATOM 325 N N    . HIS A 1 20 ? 8.420   -0.426  2.323   1.00 0.00 ? 159 HIS A N    1 
ATOM 326 C CA   . HIS A 1 20 ? 8.122   0.251   3.574   1.00 0.00 ? 159 HIS A CA   1 
ATOM 327 C C    . HIS A 1 20 ? 9.273   0.131   4.575   1.00 0.00 ? 159 HIS A C    1 
ATOM 328 O O    . HIS A 1 20 ? 9.617   1.110   5.225   1.00 0.00 ? 159 HIS A O    1 
ATOM 329 C CB   . HIS A 1 20 ? 6.838   -0.312  4.179   1.00 0.00 ? 159 HIS A CB   1 
ATOM 330 C CG   . HIS A 1 20 ? 6.359   0.533   5.325   1.00 0.00 ? 159 HIS A CG   1 
ATOM 331 N ND1  . HIS A 1 20 ? 6.317   0.080   6.637   1.00 0.00 ? 159 HIS A ND1  1 
ATOM 332 C CD2  . HIS A 1 20 ? 5.910   1.823   5.381   1.00 0.00 ? 159 HIS A CD2  1 
ATOM 333 C CE1  . HIS A 1 20 ? 5.848   1.099   7.383   1.00 0.00 ? 159 HIS A CE1  1 
ATOM 334 N NE2  . HIS A 1 20 ? 5.580   2.197   6.677   1.00 0.00 ? 159 HIS A NE2  1 
ATOM 335 H H    . HIS A 1 20 ? 7.735   -1.073  1.951   1.00 0.00 ? 159 HIS A H    1 
ATOM 336 H HA   . HIS A 1 20 ? 7.964   1.307   3.360   1.00 0.00 ? 159 HIS A HA   1 
ATOM 337 H HB2  . HIS A 1 20 ? 6.064   -0.333  3.415   1.00 0.00 ? 159 HIS A HB2  1 
ATOM 338 H HB3  . HIS A 1 20 ? 7.019   -1.326  4.532   1.00 0.00 ? 159 HIS A HB3  1 
ATOM 339 H HD1  . HIS A 1 20 ? 6.586   -0.836  6.966   1.00 0.00 ? 159 HIS A HD1  1 
ATOM 340 H HD2  . HIS A 1 20 ? 5.825   2.470   4.519   1.00 0.00 ? 159 HIS A HD2  1 
ATOM 341 H HE1  . HIS A 1 20 ? 5.706   1.033   8.453   1.00 0.00 ? 159 HIS A HE1  1 
ATOM 342 N N    . LYS A 1 21 ? 9.857   -1.064  4.711   1.00 0.00 ? 160 LYS A N    1 
ATOM 343 C CA   . LYS A 1 21 ? 10.931  -1.270  5.678   1.00 0.00 ? 160 LYS A CA   1 
ATOM 344 C C    . LYS A 1 21 ? 12.305  -1.008  5.051   1.00 0.00 ? 160 LYS A C    1 
ATOM 345 O O    . LYS A 1 21 ? 13.218  -0.569  5.744   1.00 0.00 ? 160 LYS A O    1 
ATOM 346 C CB   . LYS A 1 21 ? 10.838  -2.683  6.275   1.00 0.00 ? 160 LYS A CB   1 
ATOM 347 C CG   . LYS A 1 21 ? 11.134  -3.757  5.221   1.00 0.00 ? 160 LYS A CG   1 
ATOM 348 C CD   . LYS A 1 21 ? 10.986  -5.138  5.868   1.00 0.00 ? 160 LYS A CD   1 
ATOM 349 C CE   . LYS A 1 21 ? 11.368  -6.230  4.865   1.00 0.00 ? 160 LYS A CE   1 
ATOM 350 N NZ   . LYS A 1 21 ? 11.336  -7.561  5.500   1.00 0.00 ? 160 LYS A NZ   1 
ATOM 351 H H    . LYS A 1 21 ? 9.555   -1.843  4.144   1.00 0.00 ? 160 LYS A H    1 
ATOM 352 H HA   . LYS A 1 21 ? 10.792  -0.555  6.495   1.00 0.00 ? 160 LYS A HA   1 
ATOM 353 H HB2  . LYS A 1 21 ? 11.561  -2.774  7.087   1.00 0.00 ? 160 LYS A HB2  1 
ATOM 354 H HB3  . LYS A 1 21 ? 9.835   -2.839  6.672   1.00 0.00 ? 160 LYS A HB3  1 
ATOM 355 H HG2  . LYS A 1 21 ? 10.430  -3.667  4.395   1.00 0.00 ? 160 LYS A HG2  1 
ATOM 356 H HG3  . LYS A 1 21 ? 12.152  -3.639  4.850   1.00 0.00 ? 160 LYS A HG3  1 
ATOM 357 H HD2  . LYS A 1 21 ? 11.641  -5.201  6.739   1.00 0.00 ? 160 LYS A HD2  1 
ATOM 358 H HD3  . LYS A 1 21 ? 9.951   -5.281  6.183   1.00 0.00 ? 160 LYS A HD3  1 
ATOM 359 H HE2  . LYS A 1 21 ? 10.664  -6.212  4.031   1.00 0.00 ? 160 LYS A HE2  1 
ATOM 360 H HE3  . LYS A 1 21 ? 12.373  -6.037  4.491   1.00 0.00 ? 160 LYS A HE3  1 
ATOM 361 H HZ1  . LYS A 1 21 ? 10.413  -7.731  5.886   1.00 0.00 ? 160 LYS A HZ1  1 
ATOM 362 H HZ2  . LYS A 1 21 ? 11.546  -8.268  4.810   1.00 0.00 ? 160 LYS A HZ2  1 
ATOM 363 H HZ3  . LYS A 1 21 ? 12.021  -7.600  6.241   1.00 0.00 ? 160 LYS A HZ3  1 
ATOM 364 N N    . ARG A 1 22 ? 12.458  -1.275  3.745   1.00 0.00 ? 161 ARG A N    1 
ATOM 365 C CA   . ARG A 1 22 ? 13.735  -1.075  3.069   1.00 0.00 ? 161 ARG A CA   1 
ATOM 366 C C    . ARG A 1 22 ? 14.006  0.421   2.880   1.00 0.00 ? 161 ARG A C    1 
ATOM 367 O O    . ARG A 1 22 ? 15.019  0.932   3.351   1.00 0.00 ? 161 ARG A O    1 
ATOM 368 C CB   . ARG A 1 22 ? 13.718  -1.807  1.722   1.00 0.00 ? 161 ARG A CB   1 
ATOM 369 C CG   . ARG A 1 22 ? 15.109  -1.744  1.080   1.00 0.00 ? 161 ARG A CG   1 
ATOM 370 C CD   . ARG A 1 22 ? 15.082  -2.459  -0.274  1.00 0.00 ? 161 ARG A CD   1 
ATOM 371 N NE   . ARG A 1 22 ? 16.376  -2.342  -0.959  1.00 0.00 ? 161 ARG A NE   1 
ATOM 372 C CZ   . ARG A 1 22 ? 17.454  -3.085  -0.642  1.00 0.00 ? 161 ARG A CZ   1 
ATOM 373 N NH1  . ARG A 1 22 ? 17.388  -3.986  0.349   1.00 0.00 ? 161 ARG A NH1  1 
ATOM 374 N NH2  . ARG A 1 22 ? 18.598  -2.923  -1.319  1.00 0.00 ? 161 ARG A NH2  1 
ATOM 375 H H    . ARG A 1 22 ? 11.678  -1.628  3.206   1.00 0.00 ? 161 ARG A H    1 
ATOM 376 H HA   . ARG A 1 22 ? 14.529  -1.498  3.685   1.00 0.00 ? 161 ARG A HA   1 
ATOM 377 H HB2  . ARG A 1 22 ? 13.443  -2.849  1.882   1.00 0.00 ? 161 ARG A HB2  1 
ATOM 378 H HB3  . ARG A 1 22 ? 12.990  -1.339  1.060   1.00 0.00 ? 161 ARG A HB3  1 
ATOM 379 H HG2  . ARG A 1 22 ? 15.396  -0.703  0.933   1.00 0.00 ? 161 ARG A HG2  1 
ATOM 380 H HG3  . ARG A 1 22 ? 15.832  -2.229  1.735   1.00 0.00 ? 161 ARG A HG3  1 
ATOM 381 H HD2  . ARG A 1 22 ? 14.843  -3.512  -0.121  1.00 0.00 ? 161 ARG A HD2  1 
ATOM 382 H HD3  . ARG A 1 22 ? 14.310  -2.008  -0.899  1.00 0.00 ? 161 ARG A HD3  1 
ATOM 383 H HE   . ARG A 1 22 ? 16.449  -1.666  -1.707  1.00 0.00 ? 161 ARG A HE   1 
ATOM 384 H HH11 . ARG A 1 22 ? 16.531  -4.103  0.869   1.00 0.00 ? 161 ARG A HH11 1 
ATOM 385 H HH12 . ARG A 1 22 ? 18.194  -4.548  0.576   1.00 0.00 ? 161 ARG A HH12 1 
ATOM 386 H HH21 . ARG A 1 22 ? 18.650  -2.246  -2.067  1.00 0.00 ? 161 ARG A HH21 1 
ATOM 387 H HH22 . ARG A 1 22 ? 19.407  -3.477  -1.085  1.00 0.00 ? 161 ARG A HH22 1 
ATOM 388 N N    . LEU A 1 23 ? 13.098  1.117   2.187   1.00 0.00 ? 162 LEU A N    1 
ATOM 389 C CA   . LEU A 1 23 ? 13.241  2.545   1.933   1.00 0.00 ? 162 LEU A CA   1 
ATOM 390 C C    . LEU A 1 23 ? 12.880  3.320   3.196   1.00 0.00 ? 162 LEU A C    1 
ATOM 391 O O    . LEU A 1 23 ? 13.594  4.245   3.585   1.00 0.00 ? 162 LEU A O    1 
ATOM 392 C CB   . LEU A 1 23 ? 12.315  2.968   0.772   1.00 0.00 ? 162 LEU A CB   1 
ATOM 393 C CG   . LEU A 1 23 ? 12.935  2.645   -0.605  1.00 0.00 ? 162 LEU A CG   1 
ATOM 394 C CD1  . LEU A 1 23 ? 14.180  3.507   -0.847  1.00 0.00 ? 162 LEU A CD1  1 
ATOM 395 C CD2  . LEU A 1 23 ? 13.303  1.164   -0.699  1.00 0.00 ? 162 LEU A CD2  1 
ATOM 396 H H    . LEU A 1 23 ? 12.279  0.648   1.826   1.00 0.00 ? 162 LEU A H    1 
ATOM 397 H HA   . LEU A 1 23 ? 14.275  2.763   1.671   1.00 0.00 ? 162 LEU A HA   1 
ATOM 398 H HB2  . LEU A 1 23 ? 11.364  2.447   0.863   1.00 0.00 ? 162 LEU A HB2  1 
ATOM 399 H HB3  . LEU A 1 23 ? 12.132  4.041   0.833   1.00 0.00 ? 162 LEU A HB3  1 
ATOM 400 H HG   . LEU A 1 23 ? 12.198  2.874   -1.378  1.00 0.00 ? 162 LEU A HG   1 
ATOM 401 H HD11 . LEU A 1 23 ? 13.971  4.539   -0.568  1.00 0.00 ? 162 LEU A HD11 1 
ATOM 402 H HD12 . LEU A 1 23 ? 15.012  3.131   -0.253  1.00 0.00 ? 162 LEU A HD12 1 
ATOM 403 H HD13 . LEU A 1 23 ? 14.448  3.467   -1.904  1.00 0.00 ? 162 LEU A HD13 1 
ATOM 404 H HD21 . LEU A 1 23 ? 12.466  0.557   -0.346  1.00 0.00 ? 162 LEU A HD21 1 
ATOM 405 H HD22 . LEU A 1 23 ? 13.518  0.908   -1.736  1.00 0.00 ? 162 LEU A HD22 1 
ATOM 406 H HD23 . LEU A 1 23 ? 14.181  0.963   -0.090  1.00 0.00 ? 162 LEU A HD23 1 
ATOM 407 N N    . GLY A 1 24 ? 11.760  2.938   3.825   1.00 0.00 ? 163 GLY A N    1 
ATOM 408 C CA   . GLY A 1 24 ? 11.266  3.595   5.025   1.00 0.00 ? 163 GLY A CA   1 
ATOM 409 C C    . GLY A 1 24 ? 9.821   4.030   4.797   1.00 0.00 ? 163 GLY A C    1 
ATOM 410 O O    . GLY A 1 24 ? 9.204   3.629   3.815   1.00 0.00 ? 163 GLY A O    1 
ATOM 411 H H    . GLY A 1 24 ? 11.223  2.164   3.455   1.00 0.00 ? 163 GLY A H    1 
ATOM 412 H HA2  . GLY A 1 24 ? 11.311  2.902   5.865   1.00 0.00 ? 163 GLY A HA2  1 
ATOM 413 H HA3  . GLY A 1 24 ? 11.876  4.472   5.246   1.00 0.00 ? 163 GLY A HA3  1 
ATOM 414 N N    . ASN A 1 25 ? 9.285   4.858   5.696   1.00 0.00 ? 164 ASN A N    1 
ATOM 415 C CA   . ASN A 1 25 ? 7.913   5.353   5.573   1.00 0.00 ? 164 ASN A CA   1 
ATOM 416 C C    . ASN A 1 25 ? 7.853   6.514   4.569   1.00 0.00 ? 164 ASN A C    1 
ATOM 417 O O    . ASN A 1 25 ? 7.076   7.454   4.742   1.00 0.00 ? 164 ASN A O    1 
ATOM 418 C CB   . ASN A 1 25 ? 7.417   5.781   6.959   1.00 0.00 ? 164 ASN A CB   1 
ATOM 419 C CG   . ASN A 1 25 ? 8.310   6.865   7.560   1.00 0.00 ? 164 ASN A CG   1 
ATOM 420 O OD1  . ASN A 1 25 ? 9.252   6.563   8.287   1.00 0.00 ? 164 ASN A OD1  1 
ATOM 421 N ND2  . ASN A 1 25 ? 8.014   8.128   7.253   1.00 0.00 ? 164 ASN A ND2  1 
ATOM 422 H H    . ASN A 1 25 ? 9.835   5.161   6.488   1.00 0.00 ? 164 ASN A H    1 
ATOM 423 H HA   . ASN A 1 25 ? 7.273   4.549   5.210   1.00 0.00 ? 164 ASN A HA   1 
ATOM 424 H HB2  . ASN A 1 25 ? 6.398   6.156   6.877   1.00 0.00 ? 164 ASN A HB2  1 
ATOM 425 H HB3  . ASN A 1 25 ? 7.423   4.911   7.619   1.00 0.00 ? 164 ASN A HB3  1 
ATOM 426 H HD21 . ASN A 1 25 ? 7.265   8.326   6.602   1.00 0.00 ? 164 ASN A HD21 1 
ATOM 427 H HD22 . ASN A 1 25 ? 8.539   8.882   7.670   1.00 0.00 ? 164 ASN A HD22 1 
ATOM 428 N N    . ARG A 1 26 ? 8.677   6.438   3.513   1.00 0.00 ? 165 ARG A N    1 
ATOM 429 C CA   . ARG A 1 26 ? 8.729   7.460   2.481   1.00 0.00 ? 165 ARG A CA   1 
ATOM 430 C C    . ARG A 1 26 ? 7.645   7.176   1.449   1.00 0.00 ? 165 ARG A C    1 
ATOM 431 O O    . ARG A 1 26 ? 7.947   6.970   0.279   1.00 0.00 ? 165 ARG A O    1 
ATOM 432 C CB   . ARG A 1 26 ? 10.116  7.443   1.821   1.00 0.00 ? 165 ARG A CB   1 
ATOM 433 C CG   . ARG A 1 26 ? 11.220  7.536   2.880   1.00 0.00 ? 165 ARG A CG   1 
ATOM 434 C CD   . ARG A 1 26 ? 12.589  7.437   2.199   1.00 0.00 ? 165 ARG A CD   1 
ATOM 435 N NE   . ARG A 1 26 ? 13.613  6.981   3.148   1.00 0.00 ? 165 ARG A NE   1 
ATOM 436 C CZ   . ARG A 1 26 ? 14.248  7.796   4.008   1.00 0.00 ? 165 ARG A CZ   1 
ATOM 437 N NH1  . ARG A 1 26 ? 13.938  9.099   4.061   1.00 0.00 ? 165 ARG A NH1  1 
ATOM 438 N NH2  . ARG A 1 26 ? 15.192  7.301   4.815   1.00 0.00 ? 165 ARG A NH2  1 
ATOM 439 H H    . ARG A 1 26 ? 9.285   5.642   3.415   1.00 0.00 ? 165 ARG A H    1 
ATOM 440 H HA   . ARG A 1 26 ? 8.556   8.440   2.929   1.00 0.00 ? 165 ARG A HA   1 
ATOM 441 H HB2  . ARG A 1 26 ? 10.236  6.515   1.260   1.00 0.00 ? 165 ARG A HB2  1 
ATOM 442 H HB3  . ARG A 1 26 ? 10.201  8.289   1.136   1.00 0.00 ? 165 ARG A HB3  1 
ATOM 443 H HG2  . ARG A 1 26 ? 11.141  8.488   3.408   1.00 0.00 ? 165 ARG A HG2  1 
ATOM 444 H HG3  . ARG A 1 26 ? 11.113  6.718   3.592   1.00 0.00 ? 165 ARG A HG3  1 
ATOM 445 H HD2  . ARG A 1 26 ? 12.527  6.720   1.378   1.00 0.00 ? 165 ARG A HD2  1 
ATOM 446 H HD3  . ARG A 1 26 ? 12.866  8.409   1.796   1.00 0.00 ? 165 ARG A HD3  1 
ATOM 447 H HE   . ARG A 1 26 ? 13.843  5.992   3.147   1.00 0.00 ? 165 ARG A HE   1 
ATOM 448 H HH11 . ARG A 1 26 ? 13.216  9.471   3.462   1.00 0.00 ? 165 ARG A HH11 1 
ATOM 449 H HH12 . ARG A 1 26 ? 14.427  9.710   4.698   1.00 0.00 ? 165 ARG A HH12 1 
ATOM 450 H HH21 . ARG A 1 26 ? 15.420  6.316   4.784   1.00 0.00 ? 165 ARG A HH21 1 
ATOM 451 H HH22 . ARG A 1 26 ? 15.678  7.907   5.458   1.00 0.00 ? 165 ARG A HH22 1 
ATOM 452 N N    . TRP A 1 27 ? 6.383   7.156   1.891   1.00 0.00 ? 166 TRP A N    1 
ATOM 453 C CA   . TRP A 1 27 ? 5.250   6.855   1.023   1.00 0.00 ? 166 TRP A CA   1 
ATOM 454 C C    . TRP A 1 27 ? 5.329   7.641   -0.289  1.00 0.00 ? 166 TRP A C    1 
ATOM 455 O O    . TRP A 1 27 ? 5.070   7.086   -1.359  1.00 0.00 ? 166 TRP A O    1 
ATOM 456 C CB   . TRP A 1 27 ? 3.954   7.174   1.769   1.00 0.00 ? 166 TRP A CB   1 
ATOM 457 C CG   . TRP A 1 27 ? 3.666   6.276   2.934   1.00 0.00 ? 166 TRP A CG   1 
ATOM 458 C CD1  . TRP A 1 27 ? 3.417   6.677   4.191   1.00 0.00 ? 166 TRP A CD1  1 
ATOM 459 C CD2  . TRP A 1 27 ? 3.585   4.817   2.975   1.00 0.00 ? 166 TRP A CD2  1 
ATOM 460 N NE1  . TRP A 1 27 ? 3.170   5.606   5.012   1.00 0.00 ? 166 TRP A NE1  1 
ATOM 461 C CE2  . TRP A 1 27 ? 3.255   4.421   4.309   1.00 0.00 ? 166 TRP A CE2  1 
ATOM 462 C CE3  . TRP A 1 27 ? 3.751   3.780   2.027   1.00 0.00 ? 166 TRP A CE3  1 
ATOM 463 C CZ2  . TRP A 1 27 ? 3.089   3.084   4.673   1.00 0.00 ? 166 TRP A CZ2  1 
ATOM 464 C CZ3  . TRP A 1 27 ? 3.593   2.429   2.395   1.00 0.00 ? 166 TRP A CZ3  1 
ATOM 465 C CH2  . TRP A 1 27 ? 3.259   2.084   3.712   1.00 0.00 ? 166 TRP A CH2  1 
ATOM 466 H H    . TRP A 1 27 ? 6.198   7.349   2.867   1.00 0.00 ? 166 TRP A H    1 
ATOM 467 H HA   . TRP A 1 27 ? 5.265   5.794   0.790   1.00 0.00 ? 166 TRP A HA   1 
ATOM 468 H HB2  . TRP A 1 27 ? 4.007   8.204   2.127   1.00 0.00 ? 166 TRP A HB2  1 
ATOM 469 H HB3  . TRP A 1 27 ? 3.125   7.097   1.064   1.00 0.00 ? 166 TRP A HB3  1 
ATOM 470 H HD1  . TRP A 1 27 ? 3.409   7.706   4.512   1.00 0.00 ? 166 TRP A HD1  1 
ATOM 471 H HE1  . TRP A 1 27 ? 2.953   5.656   5.997   1.00 0.00 ? 166 TRP A HE1  1 
ATOM 472 H HE3  . TRP A 1 27 ? 4.000   4.027   1.007   1.00 0.00 ? 166 TRP A HE3  1 
ATOM 473 H HZ2  . TRP A 1 27 ? 2.835   2.826   5.688   1.00 0.00 ? 166 TRP A HZ2  1 
ATOM 474 H HZ3  . TRP A 1 27 ? 3.729   1.655   1.659   1.00 0.00 ? 166 TRP A HZ3  1 
ATOM 475 H HH2  . TRP A 1 27 ? 3.134   1.048   3.983   1.00 0.00 ? 166 TRP A HH2  1 
ATOM 476 N N    . ALA A 1 28 ? 5.685   8.927   -0.205  1.00 0.00 ? 167 ALA A N    1 
ATOM 477 C CA   . ALA A 1 28 ? 5.795   9.778   -1.381  1.00 0.00 ? 167 ALA A CA   1 
ATOM 478 C C    . ALA A 1 28 ? 6.750   9.161   -2.408  1.00 0.00 ? 167 ALA A C    1 
ATOM 479 O O    . ALA A 1 28 ? 6.465   9.175   -3.603  1.00 0.00 ? 167 ALA A O    1 
ATOM 480 C CB   . ALA A 1 28 ? 6.290   11.161  -0.952  1.00 0.00 ? 167 ALA A CB   1 
ATOM 481 H H    . ALA A 1 28 ? 5.887   9.330   0.697   1.00 0.00 ? 167 ALA A H    1 
ATOM 482 H HA   . ALA A 1 28 ? 4.808   9.882   -1.835  1.00 0.00 ? 167 ALA A HA   1 
ATOM 483 H HB1  . ALA A 1 28 ? 5.584   11.596  -0.245  1.00 0.00 ? 167 ALA A HB1  1 
ATOM 484 H HB2  . ALA A 1 28 ? 7.268   11.070  -0.480  1.00 0.00 ? 167 ALA A HB2  1 
ATOM 485 H HB3  . ALA A 1 28 ? 6.368   11.806  -1.827  1.00 0.00 ? 167 ALA A HB3  1 
ATOM 486 N N    . GLU A 1 29 ? 7.885   8.622   -1.940  1.00 0.00 ? 168 GLU A N    1 
ATOM 487 C CA   . GLU A 1 29 ? 8.877   8.030   -2.824  1.00 0.00 ? 168 GLU A CA   1 
ATOM 488 C C    . GLU A 1 29 ? 8.474   6.608   -3.217  1.00 0.00 ? 168 GLU A C    1 
ATOM 489 O O    . GLU A 1 29 ? 8.752   6.180   -4.328  1.00 0.00 ? 168 GLU A O    1 
ATOM 490 C CB   . GLU A 1 29 ? 10.249  8.032   -2.142  1.00 0.00 ? 168 GLU A CB   1 
ATOM 491 C CG   . GLU A 1 29 ? 11.289  7.448   -3.101  1.00 0.00 ? 168 GLU A CG   1 
ATOM 492 C CD   . GLU A 1 29 ? 12.704  7.845   -2.708  1.00 0.00 ? 168 GLU A CD   1 
ATOM 493 O OE1  . GLU A 1 29 ? 12.975  7.867   -1.488  1.00 0.00 ? 168 GLU A OE1  1 
ATOM 494 O OE2  . GLU A 1 29 ? 13.491  8.118   -3.648  1.00 0.00 ? 168 GLU A OE2  1 
ATOM 495 H H    . GLU A 1 29 ? 8.069   8.623   -0.946  1.00 0.00 ? 168 GLU A H    1 
ATOM 496 H HA   . GLU A 1 29 ? 8.942   8.635   -3.729  1.00 0.00 ? 168 GLU A HA   1 
ATOM 497 H HB2  . GLU A 1 29 ? 10.524  9.057   -1.885  1.00 0.00 ? 168 GLU A HB2  1 
ATOM 498 H HB3  . GLU A 1 29 ? 10.209  7.429   -1.234  1.00 0.00 ? 168 GLU A HB3  1 
ATOM 499 H HG2  . GLU A 1 29 ? 11.212  6.360   -3.097  1.00 0.00 ? 168 GLU A HG2  1 
ATOM 500 H HG3  . GLU A 1 29 ? 11.087  7.813   -4.105  1.00 0.00 ? 168 GLU A HG3  1 
ATOM 501 N N    . ILE A 1 30 ? 7.821   5.867   -2.316  1.00 0.00 ? 169 ILE A N    1 
ATOM 502 C CA   . ILE A 1 30 ? 7.411   4.499   -2.609  1.00 0.00 ? 169 ILE A CA   1 
ATOM 503 C C    . ILE A 1 30 ? 6.473   4.484   -3.821  1.00 0.00 ? 169 ILE A C    1 
ATOM 504 O O    . ILE A 1 30 ? 6.531   3.562   -4.635  1.00 0.00 ? 169 ILE A O    1 
ATOM 505 C CB   . ILE A 1 30 ? 6.753   3.878   -1.366  1.00 0.00 ? 169 ILE A CB   1 
ATOM 506 C CG1  . ILE A 1 30 ? 7.837   3.645   -0.296  1.00 0.00 ? 169 ILE A CG1  1 
ATOM 507 C CG2  . ILE A 1 30 ? 6.090   2.543   -1.736  1.00 0.00 ? 169 ILE A CG2  1 
ATOM 508 C CD1  . ILE A 1 30 ? 7.214   3.119   0.997   1.00 0.00 ? 169 ILE A CD1  1 
ATOM 509 H H    . ILE A 1 30 ? 7.604   6.254   -1.408  1.00 0.00 ? 169 ILE A H    1 
ATOM 510 H HA   . ILE A 1 30 ? 8.299   3.916   -2.855  1.00 0.00 ? 169 ILE A HA   1 
ATOM 511 H HB   . ILE A 1 30 ? 5.998   4.560   -0.977  1.00 0.00 ? 169 ILE A HB   1 
ATOM 512 H HG12 . ILE A 1 30 ? 8.566   2.924   -0.666  1.00 0.00 ? 169 ILE A HG12 1 
ATOM 513 H HG13 . ILE A 1 30 ? 8.345   4.586   -0.089  1.00 0.00 ? 169 ILE A HG13 1 
ATOM 514 H HG21 . ILE A 1 30 ? 6.836   1.868   -2.157  1.00 0.00 ? 169 ILE A HG21 1 
ATOM 515 H HG22 . ILE A 1 30 ? 5.656   2.091   -0.848  1.00 0.00 ? 169 ILE A HG22 1 
ATOM 516 H HG23 . ILE A 1 30 ? 5.302   2.714   -2.468  1.00 0.00 ? 169 ILE A HG23 1 
ATOM 517 H HD11 . ILE A 1 30 ? 6.366   3.740   1.274   1.00 0.00 ? 169 ILE A HD11 1 
ATOM 518 H HD12 . ILE A 1 30 ? 6.884   2.091   0.856   1.00 0.00 ? 169 ILE A HD12 1 
ATOM 519 H HD13 . ILE A 1 30 ? 7.958   3.149   1.790   1.00 0.00 ? 169 ILE A HD13 1 
ATOM 520 N N    . ALA A 1 31 ? 5.616   5.508   -3.954  1.00 0.00 ? 170 ALA A N    1 
ATOM 521 C CA   . ALA A 1 31 ? 4.699   5.596   -5.087  1.00 0.00 ? 170 ALA A CA   1 
ATOM 522 C C    . ALA A 1 31 ? 5.481   5.713   -6.402  1.00 0.00 ? 170 ALA A C    1 
ATOM 523 O O    . ALA A 1 31 ? 4.939   5.426   -7.465  1.00 0.00 ? 170 ALA A O    1 
ATOM 524 C CB   . ALA A 1 31 ? 3.765   6.784   -4.909  1.00 0.00 ? 170 ALA A CB   1 
ATOM 525 H H    . ALA A 1 31 ? 5.597   6.243   -3.258  1.00 0.00 ? 170 ALA A H    1 
ATOM 526 H HA   . ALA A 1 31 ? 4.100   4.687   -5.118  1.00 0.00 ? 170 ALA A HA   1 
ATOM 527 H HB1  . ALA A 1 31 ? 3.231   6.689   -3.964  1.00 0.00 ? 170 ALA A HB1  1 
ATOM 528 H HB2  . ALA A 1 31 ? 4.340   7.708   -4.916  1.00 0.00 ? 170 ALA A HB2  1 
ATOM 529 H HB3  . ALA A 1 31 ? 3.045   6.797   -5.730  1.00 0.00 ? 170 ALA A HB3  1 
ATOM 530 N N    . LYS A 1 32 ? 6.760   6.116   -6.332  1.00 0.00 ? 171 LYS A N    1 
ATOM 531 C CA   . LYS A 1 32 ? 7.611   6.189   -7.512  1.00 0.00 ? 171 LYS A CA   1 
ATOM 532 C C    . LYS A 1 32 ? 7.702   4.794   -8.133  1.00 0.00 ? 171 LYS A C    1 
ATOM 533 O O    . LYS A 1 32 ? 7.769   4.653   -9.351  1.00 0.00 ? 171 LYS A O    1 
ATOM 534 C CB   . LYS A 1 32 ? 8.997   6.694   -7.097  1.00 0.00 ? 171 LYS A CB   1 
ATOM 535 C CG   . LYS A 1 32 ? 9.835   7.068   -8.324  1.00 0.00 ? 171 LYS A CG   1 
ATOM 536 C CD   . LYS A 1 32 ? 10.964  8.030   -7.909  1.00 0.00 ? 171 LYS A CD   1 
ATOM 537 C CE   . LYS A 1 32 ? 11.901  7.355   -6.892  1.00 0.00 ? 171 LYS A CE   1 
ATOM 538 N NZ   . LYS A 1 32 ? 12.820  8.337   -6.281  1.00 0.00 ? 171 LYS A NZ   1 
ATOM 539 H H    . LYS A 1 32 ? 7.159   6.365   -5.439  1.00 0.00 ? 171 LYS A H    1 
ATOM 540 H HA   . LYS A 1 32 ? 7.172   6.881   -8.233  1.00 0.00 ? 171 LYS A HA   1 
ATOM 541 H HB2  . LYS A 1 32 ? 8.883   7.572   -6.459  1.00 0.00 ? 171 LYS A HB2  1 
ATOM 542 H HB3  . LYS A 1 32 ? 9.510   5.908   -6.544  1.00 0.00 ? 171 LYS A HB3  1 
ATOM 543 H HG2  . LYS A 1 32 ? 10.266  6.166   -8.762  1.00 0.00 ? 171 LYS A HG2  1 
ATOM 544 H HG3  . LYS A 1 32 ? 9.200   7.559   -9.062  1.00 0.00 ? 171 LYS A HG3  1 
ATOM 545 H HD2  . LYS A 1 32 ? 11.536  8.316   -8.792  1.00 0.00 ? 171 LYS A HD2  1 
ATOM 546 H HD3  . LYS A 1 32 ? 10.527  8.923   -7.462  1.00 0.00 ? 171 LYS A HD3  1 
ATOM 547 H HE2  . LYS A 1 32 ? 11.310  6.894   -6.106  1.00 0.00 ? 171 LYS A HE2  1 
ATOM 548 H HE3  . LYS A 1 32 ? 12.483  6.584   -7.396  1.00 0.00 ? 171 LYS A HE3  1 
ATOM 549 H HZ1  . LYS A 1 32 ? 12.301  9.157   -6.006  1.00 0.00 ? 171 LYS A HZ1  1 
ATOM 550 H HZ2  . LYS A 1 32 ? 13.258  7.928   -5.457  1.00 0.00 ? 171 LYS A HZ2  1 
ATOM 551 H HZ3  . LYS A 1 32 ? 13.532  8.597   -6.948  1.00 0.00 ? 171 LYS A HZ3  1 
ATOM 552 N N    . LEU A 1 33 ? 7.693   3.766   -7.270  1.00 0.00 ? 172 LEU A N    1 
ATOM 553 C CA   . LEU A 1 33 ? 7.738   2.378   -7.696  1.00 0.00 ? 172 LEU A CA   1 
ATOM 554 C C    . LEU A 1 33 ? 6.312   1.862   -7.905  1.00 0.00 ? 172 LEU A C    1 
ATOM 555 O O    . LEU A 1 33 ? 6.096   0.958   -8.710  1.00 0.00 ? 172 LEU A O    1 
ATOM 556 C CB   . LEU A 1 33 ? 8.459   1.535   -6.634  1.00 0.00 ? 172 LEU A CB   1 
ATOM 557 C CG   . LEU A 1 33 ? 9.827   2.147   -6.286  1.00 0.00 ? 172 LEU A CG   1 
ATOM 558 C CD1  . LEU A 1 33 ? 10.500  1.294   -5.206  1.00 0.00 ? 172 LEU A CD1  1 
ATOM 559 C CD2  . LEU A 1 33 ? 10.721  2.187   -7.530  1.00 0.00 ? 172 LEU A CD2  1 
ATOM 560 H H    . LEU A 1 33 ? 7.643   3.952   -6.275  1.00 0.00 ? 172 LEU A H    1 
ATOM 561 H HA   . LEU A 1 33 ? 8.281   2.306   -8.640  1.00 0.00 ? 172 LEU A HA   1 
ATOM 562 H HB2  . LEU A 1 33 ? 7.846   1.494   -5.733  1.00 0.00 ? 172 LEU A HB2  1 
ATOM 563 H HB3  . LEU A 1 33 ? 8.601   0.524   -7.014  1.00 0.00 ? 172 LEU A HB3  1 
ATOM 564 H HG   . LEU A 1 33 ? 9.691   3.159   -5.905  1.00 0.00 ? 172 LEU A HG   1 
ATOM 565 H HD11 . LEU A 1 33 ? 9.860   1.254   -4.323  1.00 0.00 ? 172 LEU A HD11 1 
ATOM 566 H HD12 . LEU A 1 33 ? 10.656  0.284   -5.585  1.00 0.00 ? 172 LEU A HD12 1 
ATOM 567 H HD13 . LEU A 1 33 ? 11.460  1.735   -4.940  1.00 0.00 ? 172 LEU A HD13 1 
ATOM 568 H HD21 . LEU A 1 33 ? 10.720  1.211   -8.014  1.00 0.00 ? 172 LEU A HD21 1 
ATOM 569 H HD22 . LEU A 1 33 ? 10.347  2.937   -8.224  1.00 0.00 ? 172 LEU A HD22 1 
ATOM 570 H HD23 . LEU A 1 33 ? 11.740  2.445   -7.237  1.00 0.00 ? 172 LEU A HD23 1 
ATOM 571 N N    . LEU A 1 34 ? 5.340   2.444   -7.176  1.00 0.00 ? 173 LEU A N    1 
ATOM 572 C CA   . LEU A 1 34 ? 3.936   2.049   -7.276  1.00 0.00 ? 173 LEU A CA   1 
ATOM 573 C C    . LEU A 1 34 ? 3.074   3.247   -7.702  1.00 0.00 ? 173 LEU A C    1 
ATOM 574 O O    . LEU A 1 34 ? 2.362   3.816   -6.874  1.00 0.00 ? 173 LEU A O    1 
ATOM 575 C CB   . LEU A 1 34 ? 3.462   1.506   -5.917  1.00 0.00 ? 173 LEU A CB   1 
ATOM 576 C CG   . LEU A 1 34 ? 4.225   0.220   -5.548  1.00 0.00 ? 173 LEU A CG   1 
ATOM 577 C CD1  . LEU A 1 34 ? 3.882   -0.169  -4.107  1.00 0.00 ? 173 LEU A CD1  1 
ATOM 578 C CD2  . LEU A 1 34 ? 3.822   -0.922  -6.487  1.00 0.00 ? 173 LEU A CD2  1 
ATOM 579 H H    . LEU A 1 34 ? 5.579   3.182   -6.528  1.00 0.00 ? 173 LEU A H    1 
ATOM 580 H HA   . LEU A 1 34 ? 3.831   1.273   -8.018  1.00 0.00 ? 173 LEU A HA   1 
ATOM 581 H HB2  . LEU A 1 34 ? 3.640   2.260   -5.149  1.00 0.00 ? 173 LEU A HB2  1 
ATOM 582 H HB3  . LEU A 1 34 ? 2.394   1.289   -5.968  1.00 0.00 ? 173 LEU A HB3  1 
ATOM 583 H HG   . LEU A 1 34 ? 5.298   0.395   -5.627  1.00 0.00 ? 173 LEU A HG   1 
ATOM 584 H HD11 . LEU A 1 34 ? 2.808   -0.333  -4.019  1.00 0.00 ? 173 LEU A HD11 1 
ATOM 585 H HD12 . LEU A 1 34 ? 4.413   -1.083  -3.841  1.00 0.00 ? 173 LEU A HD12 1 
ATOM 586 H HD13 . LEU A 1 34 ? 4.183   0.633   -3.433  1.00 0.00 ? 173 LEU A HD13 1 
ATOM 587 H HD21 . LEU A 1 34 ? 2.736   -0.973  -6.558  1.00 0.00 ? 173 LEU A HD21 1 
ATOM 588 H HD22 . LEU A 1 34 ? 4.244   -0.752  -7.475  1.00 0.00 ? 173 LEU A HD22 1 
ATOM 589 H HD23 . LEU A 1 34 ? 4.201   -1.866  -6.094  1.00 0.00 ? 173 LEU A HD23 1 
ATOM 590 N N    . PRO A 1 35 ? 3.126   3.633   -8.997  1.00 0.00 ? 174 PRO A N    1 
ATOM 591 C CA   . PRO A 1 35 ? 2.337   4.736   -9.514  1.00 0.00 ? 174 PRO A CA   1 
ATOM 592 C C    . PRO A 1 35 ? 0.847   4.407   -9.436  1.00 0.00 ? 174 PRO A C    1 
ATOM 593 O O    . PRO A 1 35 ? 0.470   3.253   -9.228  1.00 0.00 ? 174 PRO A O    1 
ATOM 594 C CB   . PRO A 1 35 ? 2.788   4.930   -10.964 1.00 0.00 ? 174 PRO A CB   1 
ATOM 595 C CG   . PRO A 1 35 ? 3.691   3.740   -11.309 1.00 0.00 ? 174 PRO A CG   1 
ATOM 596 C CD   . PRO A 1 35 ? 3.960   2.999   -9.999  1.00 0.00 ? 174 PRO A CD   1 
ATOM 597 H HA   . PRO A 1 35 ? 2.546   5.639   -8.937  1.00 0.00 ? 174 PRO A HA   1 
ATOM 598 H HB2  . PRO A 1 35 ? 1.926   4.949   -11.630 1.00 0.00 ? 174 PRO A HB2  1 
ATOM 599 H HB3  . PRO A 1 35 ? 3.350   5.859   -11.057 1.00 0.00 ? 174 PRO A HB3  1 
ATOM 600 H HG2  . PRO A 1 35 ? 3.183   3.080   -12.011 1.00 0.00 ? 174 PRO A HG2  1 
ATOM 601 H HG3  . PRO A 1 35 ? 4.629   4.093   -11.739 1.00 0.00 ? 174 PRO A HG3  1 
ATOM 602 H HD2  . PRO A 1 35 ? 3.695   1.947   -10.103 1.00 0.00 ? 174 PRO A HD2  1 
ATOM 603 H HD3  . PRO A 1 35 ? 5.008   3.098   -9.729  1.00 0.00 ? 174 PRO A HD3  1 
ATOM 604 N N    . GLY A 1 36 ? -0.003  5.426   -9.606  1.00 0.00 ? 175 GLY A N    1 
ATOM 605 C CA   . GLY A 1 36 ? -1.447  5.247   -9.555  1.00 0.00 ? 175 GLY A CA   1 
ATOM 606 C C    . GLY A 1 36 ? -1.921  5.226   -8.104  1.00 0.00 ? 175 GLY A C    1 
ATOM 607 O O    . GLY A 1 36 ? -2.814  5.986   -7.731  1.00 0.00 ? 175 GLY A O    1 
ATOM 608 H H    . GLY A 1 36 ? 0.358   6.354   -9.777  1.00 0.00 ? 175 GLY A H    1 
ATOM 609 H HA2  . GLY A 1 36 ? -1.930  6.072   -10.081 1.00 0.00 ? 175 GLY A HA2  1 
ATOM 610 H HA3  . GLY A 1 36 ? -1.716  4.308   -10.037 1.00 0.00 ? 175 GLY A HA3  1 
ATOM 611 N N    . ARG A 1 37 ? -1.316  4.358   -7.288  1.00 0.00 ? 176 ARG A N    1 
ATOM 612 C CA   . ARG A 1 37 ? -1.661  4.249   -5.881  1.00 0.00 ? 176 ARG A CA   1 
ATOM 613 C C    . ARG A 1 37 ? -1.243  5.539   -5.166  1.00 0.00 ? 176 ARG A C    1 
ATOM 614 O O    . ARG A 1 37 ? -0.053  5.821   -5.045  1.00 0.00 ? 176 ARG A O    1 
ATOM 615 C CB   . ARG A 1 37 ? -0.948  3.035   -5.262  1.00 0.00 ? 176 ARG A CB   1 
ATOM 616 C CG   . ARG A 1 37 ? -1.251  1.748   -6.050  1.00 0.00 ? 176 ARG A CG   1 
ATOM 617 C CD   . ARG A 1 37 ? -2.740  1.397   -5.954  1.00 0.00 ? 176 ARG A CD   1 
ATOM 618 N NE   . ARG A 1 37 ? -2.967  -0.002  -6.353  1.00 0.00 ? 176 ARG A NE   1 
ATOM 619 C CZ   . ARG A 1 37 ? -4.156  -0.620  -6.245  1.00 0.00 ? 176 ARG A CZ   1 
ATOM 620 N NH1  . ARG A 1 37 ? -5.226  0.052   -5.794  1.00 0.00 ? 176 ARG A NH1  1 
ATOM 621 N NH2  . ARG A 1 37 ? -4.272  -1.909  -6.587  1.00 0.00 ? 176 ARG A NH2  1 
ATOM 622 H H    . ARG A 1 37 ? -0.589  3.755   -7.651  1.00 0.00 ? 176 ARG A H    1 
ATOM 623 H HA   . ARG A 1 37 ? -2.739  4.120   -5.784  1.00 0.00 ? 176 ARG A HA   1 
ATOM 624 H HB2  . ARG A 1 37 ? 0.128   3.210   -5.269  1.00 0.00 ? 176 ARG A HB2  1 
ATOM 625 H HB3  . ARG A 1 37 ? -1.283  2.911   -4.234  1.00 0.00 ? 176 ARG A HB3  1 
ATOM 626 H HG2  . ARG A 1 37 ? -0.977  1.881   -7.095  1.00 0.00 ? 176 ARG A HG2  1 
ATOM 627 H HG3  . ARG A 1 37 ? -0.665  0.931   -5.629  1.00 0.00 ? 176 ARG A HG3  1 
ATOM 628 H HD2  . ARG A 1 37 ? -3.076  1.535   -4.927  1.00 0.00 ? 176 ARG A HD2  1 
ATOM 629 H HD3  . ARG A 1 37 ? -3.309  2.055   -6.610  1.00 0.00 ? 176 ARG A HD3  1 
ATOM 630 H HE   . ARG A 1 37 ? -2.177  -0.518  -6.732  1.00 0.00 ? 176 ARG A HE   1 
ATOM 631 H HH11 . ARG A 1 37 ? -5.139  1.024   -5.542  1.00 0.00 ? 176 ARG A HH11 1 
ATOM 632 H HH12 . ARG A 1 37 ? -6.115  -0.415  -5.708  1.00 0.00 ? 176 ARG A HH12 1 
ATOM 633 H HH21 . ARG A 1 37 ? -3.452  -2.427  -6.898  1.00 0.00 ? 176 ARG A HH21 1 
ATOM 634 H HH22 . ARG A 1 37 ? -5.170  -2.371  -6.540  1.00 0.00 ? 176 ARG A HH22 1 
ATOM 635 N N    . THR A 1 38 ? -2.223  6.319   -4.696  1.00 0.00 ? 177 THR A N    1 
ATOM 636 C CA   . THR A 1 38 ? -1.948  7.573   -4.004  1.00 0.00 ? 177 THR A CA   1 
ATOM 637 C C    . THR A 1 38 ? -1.548  7.280   -2.558  1.00 0.00 ? 177 THR A C    1 
ATOM 638 O O    . THR A 1 38 ? -1.766  6.175   -2.069  1.00 0.00 ? 177 THR A O    1 
ATOM 639 C CB   . THR A 1 38 ? -3.188  8.472   -4.053  1.00 0.00 ? 177 THR A CB   1 
ATOM 640 O OG1  . THR A 1 38 ? -4.303  7.774   -3.536  1.00 0.00 ? 177 THR A OG1  1 
ATOM 641 C CG2  . THR A 1 38 ? -3.474  8.886   -5.500  1.00 0.00 ? 177 THR A CG2  1 
ATOM 642 H H    . THR A 1 38 ? -3.184  6.043   -4.820  1.00 0.00 ? 177 THR A H    1 
ATOM 643 H HA   . THR A 1 38 ? -1.122  8.082   -4.502  1.00 0.00 ? 177 THR A HA   1 
ATOM 644 H HB   . THR A 1 38 ? -3.010  9.364   -3.453  1.00 0.00 ? 177 THR A HB   1 
ATOM 645 H HG1  . THR A 1 38 ? -4.641  7.189   -4.216  1.00 0.00 ? 177 THR A HG1  1 
ATOM 646 H HG21 . THR A 1 38 ? -2.601  9.394   -5.910  1.00 0.00 ? 177 THR A HG21 1 
ATOM 647 H HG22 . THR A 1 38 ? -3.694  8.003   -6.097  1.00 0.00 ? 177 THR A HG22 1 
ATOM 648 H HG23 . THR A 1 38 ? -4.330  9.560   -5.520  1.00 0.00 ? 177 THR A HG23 1 
ATOM 649 N N    . ASP A 1 39 ? -0.957  8.272   -1.878  1.00 0.00 ? 178 ASP A N    1 
ATOM 650 C CA   . ASP A 1 39 ? -0.506  8.100   -0.502  1.00 0.00 ? 178 ASP A CA   1 
ATOM 651 C C    . ASP A 1 39 ? -1.672  7.669   0.391   1.00 0.00 ? 178 ASP A C    1 
ATOM 652 O O    . ASP A 1 39 ? -1.548  6.717   1.151   1.00 0.00 ? 178 ASP A O    1 
ATOM 653 C CB   . ASP A 1 39 ? 0.141   9.401   0.006   1.00 0.00 ? 178 ASP A CB   1 
ATOM 654 C CG   . ASP A 1 39 ? -0.899  10.363  0.575   1.00 0.00 ? 178 ASP A CG   1 
ATOM 655 O OD1  . ASP A 1 39 ? -1.667  10.916  -0.242  1.00 0.00 ? 178 ASP A OD1  1 
ATOM 656 O OD2  . ASP A 1 39 ? -0.909  10.517  1.820   1.00 0.00 ? 178 ASP A OD2  1 
ATOM 657 H H    . ASP A 1 39 ? -0.810  9.168   -2.321  1.00 0.00 ? 178 ASP A H    1 
ATOM 658 H HA   . ASP A 1 39 ? 0.252   7.313   -0.486  1.00 0.00 ? 178 ASP A HA   1 
ATOM 659 H HB2  . ASP A 1 39 ? 0.860   9.157   0.788   1.00 0.00 ? 178 ASP A HB2  1 
ATOM 660 H HB3  . ASP A 1 39 ? 0.666   9.887   -0.816  1.00 0.00 ? 178 ASP A HB3  1 
ATOM 661 N N    . ASN A 1 40 ? -2.807  8.372   0.295   1.00 0.00 ? 179 ASN A N    1 
ATOM 662 C CA   . ASN A 1 40 ? -3.976  8.068   1.106   1.00 0.00 ? 179 ASN A CA   1 
ATOM 663 C C    . ASN A 1 40 ? -4.433  6.630   0.865   1.00 0.00 ? 179 ASN A C    1 
ATOM 664 O O    . ASN A 1 40 ? -4.795  5.936   1.810   1.00 0.00 ? 179 ASN A O    1 
ATOM 665 C CB   . ASN A 1 40 ? -5.098  9.068   0.799   1.00 0.00 ? 179 ASN A CB   1 
ATOM 666 C CG   . ASN A 1 40 ? -5.471  9.060   -0.679  1.00 0.00 ? 179 ASN A CG   1 
ATOM 667 O OD1  . ASN A 1 40 ? -6.347  8.306   -1.096  1.00 0.00 ? 179 ASN A OD1  1 
ATOM 668 N ND2  . ASN A 1 40 ? -4.807  9.900   -1.470  1.00 0.00 ? 179 ASN A ND2  1 
ATOM 669 H H    . ASN A 1 40 ? -2.858  9.145   -0.354  1.00 0.00 ? 179 ASN A H    1 
ATOM 670 H HA   . ASN A 1 40 ? -3.702  8.172   2.158   1.00 0.00 ? 179 ASN A HA   1 
ATOM 671 H HB2  . ASN A 1 40 ? -5.977  8.808   1.390   1.00 0.00 ? 179 ASN A HB2  1 
ATOM 672 H HB3  . ASN A 1 40 ? -4.768  10.070  1.079   1.00 0.00 ? 179 ASN A HB3  1 
ATOM 673 H HD21 . ASN A 1 40 ? -4.109  10.523  -1.080  1.00 0.00 ? 179 ASN A HD21 1 
ATOM 674 H HD22 . ASN A 1 40 ? -4.999  9.915   -2.462  1.00 0.00 ? 179 ASN A HD22 1 
ATOM 675 N N    . ALA A 1 41 ? -4.410  6.180   -0.394  1.00 0.00 ? 180 ALA A N    1 
ATOM 676 C CA   . ALA A 1 41 ? -4.818  4.826   -0.735  1.00 0.00 ? 180 ALA A CA   1 
ATOM 677 C C    . ALA A 1 41 ? -3.812  3.820   -0.178  1.00 0.00 ? 180 ALA A C    1 
ATOM 678 O O    . ALA A 1 41 ? -4.201  2.782   0.347   1.00 0.00 ? 180 ALA A O    1 
ATOM 679 C CB   . ALA A 1 41 ? -4.925  4.695   -2.251  1.00 0.00 ? 180 ALA A CB   1 
ATOM 680 H H    . ALA A 1 41 ? -4.103  6.790   -1.140  1.00 0.00 ? 180 ALA A H    1 
ATOM 681 H HA   . ALA A 1 41 ? -5.796  4.629   -0.295  1.00 0.00 ? 180 ALA A HA   1 
ATOM 682 H HB1  . ALA A 1 41 ? -5.649  5.417   -2.628  1.00 0.00 ? 180 ALA A HB1  1 
ATOM 683 H HB2  . ALA A 1 41 ? -3.952  4.883   -2.702  1.00 0.00 ? 180 ALA A HB2  1 
ATOM 684 H HB3  . ALA A 1 41 ? -5.253  3.686   -2.503  1.00 0.00 ? 180 ALA A HB3  1 
ATOM 685 N N    . ILE A 1 42 ? -2.518  4.134   -0.298  1.00 0.00 ? 181 ILE A N    1 
ATOM 686 C CA   . ILE A 1 42 ? -1.456  3.265   0.186   1.00 0.00 ? 181 ILE A CA   1 
ATOM 687 C C    . ILE A 1 42 ? -1.571  3.088   1.687   1.00 0.00 ? 181 ILE A C    1 
ATOM 688 O O    . ILE A 1 42 ? -1.543  1.973   2.178   1.00 0.00 ? 181 ILE A O    1 
ATOM 689 C CB   . ILE A 1 42 ? -0.102  3.878   -0.177  1.00 0.00 ? 181 ILE A CB   1 
ATOM 690 C CG1  . ILE A 1 42 ? 0.204   3.574   -1.637  1.00 0.00 ? 181 ILE A CG1  1 
ATOM 691 C CG2  . ILE A 1 42 ? 0.990   3.282   0.710   1.00 0.00 ? 181 ILE A CG2  1 
ATOM 692 C CD1  . ILE A 1 42 ? 1.193   4.603   -2.191  1.00 0.00 ? 181 ILE A CD1  1 
ATOM 693 H H    . ILE A 1 42 ? -2.257  5.005   -0.740  1.00 0.00 ? 181 ILE A H    1 
ATOM 694 H HA   . ILE A 1 42 ? -1.547  2.290   -0.293  1.00 0.00 ? 181 ILE A HA   1 
ATOM 695 H HB   . ILE A 1 42 ? -0.137  4.955   -0.030  1.00 0.00 ? 181 ILE A HB   1 
ATOM 696 H HG12 . ILE A 1 42 ? 0.638   2.578   -1.719  1.00 0.00 ? 181 ILE A HG12 1 
ATOM 697 H HG13 . ILE A 1 42 ? -0.726  3.611   -2.203  1.00 0.00 ? 181 ILE A HG13 1 
ATOM 698 H HG21 . ILE A 1 42 ? 0.790   2.224   0.875   1.00 0.00 ? 181 ILE A HG21 1 
ATOM 699 H HG22 . ILE A 1 42 ? 1.954   3.394   0.220   1.00 0.00 ? 181 ILE A HG22 1 
ATOM 700 H HG23 . ILE A 1 42 ? 1.007   3.801   1.668   1.00 0.00 ? 181 ILE A HG23 1 
ATOM 701 H HD11 . ILE A 1 42 ? 2.086   4.626   -1.566  1.00 0.00 ? 181 ILE A HD11 1 
ATOM 702 H HD12 . ILE A 1 42 ? 1.468   4.331   -3.210  1.00 0.00 ? 181 ILE A HD12 1 
ATOM 703 H HD13 . ILE A 1 42 ? 0.730   5.589   -2.196  1.00 0.00 ? 181 ILE A HD13 1 
ATOM 704 N N    . LYS A 1 43 ? -1.694  4.192   2.408   1.00 0.00 ? 182 LYS A N    1 
ATOM 705 C CA   . LYS A 1 43 ? -1.803  4.166   3.850   1.00 0.00 ? 182 LYS A CA   1 
ATOM 706 C C    . LYS A 1 43 ? -3.096  3.506   4.262   1.00 0.00 ? 182 LYS A C    1 
ATOM 707 O O    . LYS A 1 43 ? -3.115  2.741   5.220   1.00 0.00 ? 182 LYS A O    1 
ATOM 708 C CB   . LYS A 1 43 ? -1.761  5.584   4.361   1.00 0.00 ? 182 LYS A CB   1 
ATOM 709 C CG   . LYS A 1 43 ? -0.310  6.030   4.479   1.00 0.00 ? 182 LYS A CG   1 
ATOM 710 C CD   . LYS A 1 43 ? -0.188  7.501   4.068   1.00 0.00 ? 182 LYS A CD   1 
ATOM 711 C CE   . LYS A 1 43 ? -1.242  8.350   4.804   1.00 0.00 ? 182 LYS A CE   1 
ATOM 712 N NZ   . LYS A 1 43 ? -1.114  9.775   4.439   1.00 0.00 ? 182 LYS A NZ   1 
ATOM 713 H H    . LYS A 1 43 ? -1.711  5.089   1.944   1.00 0.00 ? 182 LYS A H    1 
ATOM 714 H HA   . LYS A 1 43 ? -0.967  3.605   4.266   1.00 0.00 ? 182 LYS A HA   1 
ATOM 715 H HB2  . LYS A 1 43 ? -2.290  6.225   3.659   1.00 0.00 ? 182 LYS A HB2  1 
ATOM 716 H HB3  . LYS A 1 43 ? -2.240  5.640   5.340   1.00 0.00 ? 182 LYS A HB3  1 
ATOM 717 H HG2  . LYS A 1 43 ? 0.022   5.903   5.510   1.00 0.00 ? 182 LYS A HG2  1 
ATOM 718 H HG3  . LYS A 1 43 ? 0.310   5.413   3.824   1.00 0.00 ? 182 LYS A HG3  1 
ATOM 719 H HD2  . LYS A 1 43 ? 0.809   7.863   4.317   1.00 0.00 ? 182 LYS A HD2  1 
ATOM 720 H HD3  . LYS A 1 43 ? -0.341  7.586   2.991   1.00 0.00 ? 182 LYS A HD3  1 
ATOM 721 H HE2  . LYS A 1 43 ? -2.247  8.005   4.543   1.00 0.00 ? 182 LYS A HE2  1 
ATOM 722 H HE3  . LYS A 1 43 ? -1.101  8.240   5.880   1.00 0.00 ? 182 LYS A HE3  1 
ATOM 723 H HZ1  . LYS A 1 43 ? -1.178  9.877   3.429   1.00 0.00 ? 182 LYS A HZ1  1 
ATOM 724 H HZ2  . LYS A 1 43 ? -1.852  10.306  4.877   1.00 0.00 ? 182 LYS A HZ2  1 
ATOM 725 H HZ3  . LYS A 1 43 ? -0.220  10.124  4.751   1.00 0.00 ? 182 LYS A HZ3  1 
ATOM 726 N N    . ASN A 1 44 ? -4.183  3.795   3.545   1.00 0.00 ? 183 ASN A N    1 
ATOM 727 C CA   . ASN A 1 44 ? -5.454  3.194   3.856   1.00 0.00 ? 183 ASN A CA   1 
ATOM 728 C C    . ASN A 1 44 ? -5.302  1.676   3.743   1.00 0.00 ? 183 ASN A C    1 
ATOM 729 O O    . ASN A 1 44 ? -5.774  0.928   4.598   1.00 0.00 ? 183 ASN A O    1 
ATOM 730 C CB   . ASN A 1 44 ? -6.530  3.713   2.898   1.00 0.00 ? 183 ASN A CB   1 
ATOM 731 C CG   . ASN A 1 44 ? -7.834  2.940   3.067   1.00 0.00 ? 183 ASN A CG   1 
ATOM 732 O OD1  . ASN A 1 44 ? -8.261  2.235   2.158   1.00 0.00 ? 183 ASN A OD1  1 
ATOM 733 N ND2  . ASN A 1 44 ? -8.465  3.075   4.235   1.00 0.00 ? 183 ASN A ND2  1 
ATOM 734 H H    . ASN A 1 44 ? -4.125  4.440   2.763   1.00 0.00 ? 183 ASN A H    1 
ATOM 735 H HA   . ASN A 1 44 ? -5.718  3.469   4.880   1.00 0.00 ? 183 ASN A HA   1 
ATOM 736 H HB2  . ASN A 1 44 ? -6.712  4.768   3.099   1.00 0.00 ? 183 ASN A HB2  1 
ATOM 737 H HB3  . ASN A 1 44 ? -6.181  3.600   1.872   1.00 0.00 ? 183 ASN A HB3  1 
ATOM 738 H HD21 . ASN A 1 44 ? -8.077  3.670   4.952   1.00 0.00 ? 183 ASN A HD21 1 
ATOM 739 H HD22 . ASN A 1 44 ? -9.329  2.580   4.398   1.00 0.00 ? 183 ASN A HD22 1 
ATOM 740 N N    . HIS A 1 45 ? -4.619  1.239   2.676   1.00 0.00 ? 184 HIS A N    1 
ATOM 741 C CA   . HIS A 1 45 ? -4.352  -0.165  2.432   1.00 0.00 ? 184 HIS A CA   1 
ATOM 742 C C    . HIS A 1 45 ? -3.417  -0.715  3.510   1.00 0.00 ? 184 HIS A C    1 
ATOM 743 O O    . HIS A 1 45 ? -3.609  -1.828  3.988   1.00 0.00 ? 184 HIS A O    1 
ATOM 744 C CB   . HIS A 1 45 ? -3.694  -0.323  1.052   1.00 0.00 ? 184 HIS A CB   1 
ATOM 745 C CG   . HIS A 1 45 ? -3.490  -1.767  0.686   1.00 0.00 ? 184 HIS A CG   1 
ATOM 746 N ND1  . HIS A 1 45 ? -4.540  -2.665  0.541   1.00 0.00 ? 184 HIS A ND1  1 
ATOM 747 C CD2  . HIS A 1 45 ? -2.360  -2.507  0.446   1.00 0.00 ? 184 HIS A CD2  1 
ATOM 748 C CE1  . HIS A 1 45 ? -3.991  -3.856  0.230   1.00 0.00 ? 184 HIS A CE1  1 
ATOM 749 N NE2  . HIS A 1 45 ? -2.663  -3.827  0.154   1.00 0.00 ? 184 HIS A NE2  1 
ATOM 750 H H    . HIS A 1 45 ? -4.264  1.910   2.006   1.00 0.00 ? 184 HIS A H    1 
ATOM 751 H HA   . HIS A 1 45 ? -5.290  -0.719  2.451   1.00 0.00 ? 184 HIS A HA   1 
ATOM 752 H HB2  . HIS A 1 45 ? -4.316  0.158   0.293   1.00 0.00 ? 184 HIS A HB2  1 
ATOM 753 H HB3  . HIS A 1 45 ? -2.725  0.170   1.066   1.00 0.00 ? 184 HIS A HB3  1 
ATOM 754 H HD1  . HIS A 1 45 ? -5.523  -2.465  0.650   1.00 0.00 ? 184 HIS A HD1  1 
ATOM 755 H HD2  . HIS A 1 45 ? -1.359  -2.108  0.481   1.00 0.00 ? 184 HIS A HD2  1 
ATOM 756 H HE1  . HIS A 1 45 ? -4.572  -4.749  0.058   1.00 0.00 ? 184 HIS A HE1  1 
ATOM 757 N N    . TRP A 1 46 ? -2.396  0.071   3.875   1.00 0.00 ? 185 TRP A N    1 
ATOM 758 C CA   . TRP A 1 46 ? -1.396  -0.346  4.839   1.00 0.00 ? 185 TRP A CA   1 
ATOM 759 C C    . TRP A 1 46 ? -2.018  -0.550  6.219   1.00 0.00 ? 185 TRP A C    1 
ATOM 760 O O    . TRP A 1 46 ? -1.662  -1.486  6.929   1.00 0.00 ? 185 TRP A O    1 
ATOM 761 C CB   . TRP A 1 46 ? -0.271  0.688   4.903   1.00 0.00 ? 185 TRP A CB   1 
ATOM 762 C CG   . TRP A 1 46 ? 0.924   0.221   5.664   1.00 0.00 ? 185 TRP A CG   1 
ATOM 763 C CD1  . TRP A 1 46 ? 1.352   0.702   6.841   1.00 0.00 ? 185 TRP A CD1  1 
ATOM 764 C CD2  . TRP A 1 46 ? 1.856   -0.841  5.316   1.00 0.00 ? 185 TRP A CD2  1 
ATOM 765 N NE1  . TRP A 1 46 ? 2.475   0.032   7.265   1.00 0.00 ? 185 TRP A NE1  1 
ATOM 766 C CE2  . TRP A 1 46 ? 2.832   -0.946  6.353   1.00 0.00 ? 185 TRP A CE2  1 
ATOM 767 C CE3  . TRP A 1 46 ? 1.979   -1.733  4.229   1.00 0.00 ? 185 TRP A CE3  1 
ATOM 768 C CZ2  . TRP A 1 46 ? 3.862   -1.884  6.314   1.00 0.00 ? 185 TRP A CZ2  1 
ATOM 769 C CZ3  . TRP A 1 46 ? 3.021   -2.678  4.187   1.00 0.00 ? 185 TRP A CZ3  1 
ATOM 770 C CH2  . TRP A 1 46 ? 3.955   -2.753  5.232   1.00 0.00 ? 185 TRP A CH2  1 
ATOM 771 H H    . TRP A 1 46 ? -2.302  0.983   3.460   1.00 0.00 ? 185 TRP A H    1 
ATOM 772 H HA   . TRP A 1 46 ? -0.969  -1.281  4.507   1.00 0.00 ? 185 TRP A HA   1 
ATOM 773 H HB2  . TRP A 1 46 ? 0.045   0.927   3.886   1.00 0.00 ? 185 TRP A HB2  1 
ATOM 774 H HB3  . TRP A 1 46 ? -0.649  1.594   5.368   1.00 0.00 ? 185 TRP A HB3  1 
ATOM 775 H HD1  . TRP A 1 46 ? 0.877   1.503   7.382   1.00 0.00 ? 185 TRP A HD1  1 
ATOM 776 H HE1  . TRP A 1 46 ? 2.981   0.210   8.119   1.00 0.00 ? 185 TRP A HE1  1 
ATOM 777 H HE3  . TRP A 1 46 ? 1.265   -1.690  3.421   1.00 0.00 ? 185 TRP A HE3  1 
ATOM 778 H HZ2  . TRP A 1 46 ? 4.581   -1.942  7.108   1.00 0.00 ? 185 TRP A HZ2  1 
ATOM 779 H HZ3  . TRP A 1 46 ? 3.101   -3.350  3.346   1.00 0.00 ? 185 TRP A HZ3  1 
ATOM 780 H HH2  . TRP A 1 46 ? 4.742   -3.484  5.202   1.00 0.00 ? 185 TRP A HH2  1 
ATOM 781 N N    . ASN A 1 47 ? -2.940  0.332   6.601   1.00 0.00 ? 186 ASN A N    1 
ATOM 782 C CA   . ASN A 1 47 ? -3.576  0.273   7.905   1.00 0.00 ? 186 ASN A CA   1 
ATOM 783 C C    . ASN A 1 47 ? -4.655  -0.810  7.937   1.00 0.00 ? 186 ASN A C    1 
ATOM 784 O O    . ASN A 1 47 ? -4.777  -1.531  8.920   1.00 0.00 ? 186 ASN A O    1 
ATOM 785 C CB   . ASN A 1 47 ? -4.173  1.644   8.228   1.00 0.00 ? 186 ASN A CB   1 
ATOM 786 C CG   . ASN A 1 47 ? -4.712  1.680   9.655   1.00 0.00 ? 186 ASN A CG   1 
ATOM 787 O OD1  . ASN A 1 47 ? -3.972  1.972   10.591  1.00 0.00 ? 186 ASN A OD1  1 
ATOM 788 N ND2  . ASN A 1 47 ? -6.001  1.382   9.819   1.00 0.00 ? 186 ASN A ND2  1 
ATOM 789 H H    . ASN A 1 47 ? -3.206  1.077   5.972   1.00 0.00 ? 186 ASN A H    1 
ATOM 790 H HA   . ASN A 1 47 ? -2.822  0.039   8.652   1.00 0.00 ? 186 ASN A HA   1 
ATOM 791 H HB2  . ASN A 1 47 ? -3.397  2.405   8.122   1.00 0.00 ? 186 ASN A HB2  1 
ATOM 792 H HB3  . ASN A 1 47 ? -4.980  1.862   7.529   1.00 0.00 ? 186 ASN A HB3  1 
ATOM 793 H HD21 . ASN A 1 47 ? -6.571  1.147   9.020   1.00 0.00 ? 186 ASN A HD21 1 
ATOM 794 H HD22 . ASN A 1 47 ? -6.405  1.391   10.744  1.00 0.00 ? 186 ASN A HD22 1 
ATOM 795 N N    . SER A 1 48 ? -5.446  -0.912  6.866   1.00 0.00 ? 187 SER A N    1 
ATOM 796 C CA   . SER A 1 48 ? -6.550  -1.859  6.808   1.00 0.00 ? 187 SER A CA   1 
ATOM 797 C C    . SER A 1 48 ? -6.059  -3.298  6.591   1.00 0.00 ? 187 SER A C    1 
ATOM 798 O O    . SER A 1 48 ? -6.552  -4.218  7.242   1.00 0.00 ? 187 SER A O    1 
ATOM 799 C CB   . SER A 1 48 ? -7.495  -1.443  5.677   1.00 0.00 ? 187 SER A CB   1 
ATOM 800 O OG   . SER A 1 48 ? -8.629  -2.283  5.668   1.00 0.00 ? 187 SER A OG   1 
ATOM 801 H H    . SER A 1 48 ? -5.292  -0.307  6.068   1.00 0.00 ? 187 SER A H    1 
ATOM 802 H HA   . SER A 1 48 ? -7.096  -1.818  7.750   1.00 0.00 ? 187 SER A HA   1 
ATOM 803 H HB2  . SER A 1 48 ? -7.813  -0.411  5.830   1.00 0.00 ? 187 SER A HB2  1 
ATOM 804 H HB3  . SER A 1 48 ? -6.977  -1.523  4.719   1.00 0.00 ? 187 SER A HB3  1 
ATOM 805 H HG   . SER A 1 48 ? -9.050  -2.237  6.530   1.00 0.00 ? 187 SER A HG   1 
ATOM 806 N N    . THR A 1 49 ? -5.115  -3.494  5.664   1.00 0.00 ? 188 THR A N    1 
ATOM 807 C CA   . THR A 1 49 ? -4.655  -4.832  5.296   1.00 0.00 ? 188 THR A CA   1 
ATOM 808 C C    . THR A 1 49 ? -3.512  -5.311  6.192   1.00 0.00 ? 188 THR A C    1 
ATOM 809 O O    . THR A 1 49 ? -3.687  -6.243  6.974   1.00 0.00 ? 188 THR A O    1 
ATOM 810 C CB   . THR A 1 49 ? -4.229  -4.827  3.819   1.00 0.00 ? 188 THR A CB   1 
ATOM 811 O OG1  . THR A 1 49 ? -5.171  -4.101  3.060   1.00 0.00 ? 188 THR A OG1  1 
ATOM 812 C CG2  . THR A 1 49 ? -4.155  -6.263  3.297   1.00 0.00 ? 188 THR A CG2  1 
ATOM 813 H H    . THR A 1 49 ? -4.715  -2.703  5.179   1.00 0.00 ? 188 THR A H    1 
ATOM 814 H HA   . THR A 1 49 ? -5.486  -5.523  5.410   1.00 0.00 ? 188 THR A HA   1 
ATOM 815 H HB   . THR A 1 49 ? -3.249  -4.358  3.718   1.00 0.00 ? 188 THR A HB   1 
ATOM 816 H HG1  . THR A 1 49 ? -5.023  -3.163  3.214   1.00 0.00 ? 188 THR A HG1  1 
ATOM 817 H HG21 . THR A 1 49 ? -5.134  -6.735  3.387   1.00 0.00 ? 188 THR A HG21 1 
ATOM 818 H HG22 . THR A 1 49 ? -3.855  -6.253  2.250   1.00 0.00 ? 188 THR A HG22 1 
ATOM 819 H HG23 . THR A 1 49 ? -3.425  -6.827  3.878   1.00 0.00 ? 188 THR A HG23 1 
ATOM 820 N N    . MET A 1 50 ? -2.337  -4.692  6.060   1.00 0.00 ? 189 MET A N    1 
ATOM 821 C CA   . MET A 1 50 ? -1.152  -5.115  6.788   1.00 0.00 ? 189 MET A CA   1 
ATOM 822 C C    . MET A 1 50 ? -1.321  -4.912  8.292   1.00 0.00 ? 189 MET A C    1 
ATOM 823 O O    . MET A 1 50 ? -1.388  -5.884  9.043   1.00 0.00 ? 189 MET A O    1 
ATOM 824 C CB   . MET A 1 50 ? 0.053   -4.342  6.253   1.00 0.00 ? 189 MET A CB   1 
ATOM 825 C CG   . MET A 1 50 ? 0.647   -5.096  5.061   1.00 0.00 ? 189 MET A CG   1 
ATOM 826 S SD   . MET A 1 50 ? 1.847   -6.371  5.529   1.00 0.00 ? 189 MET A SD   1 
ATOM 827 C CE   . MET A 1 50 ? 2.037   -7.189  3.928   1.00 0.00 ? 189 MET A CE   1 
ATOM 828 H H    . MET A 1 50 ? -2.254  -3.912  5.425   1.00 0.00 ? 189 MET A H    1 
ATOM 829 H HA   . MET A 1 50 ? -0.993  -6.180  6.605   1.00 0.00 ? 189 MET A HA   1 
ATOM 830 H HB2  . MET A 1 50 ? -0.265  -3.353  5.932   1.00 0.00 ? 189 MET A HB2  1 
ATOM 831 H HB3  . MET A 1 50 ? 0.807   -4.247  7.035   1.00 0.00 ? 189 MET A HB3  1 
ATOM 832 H HG2  . MET A 1 50 ? -0.163  -5.566  4.505   1.00 0.00 ? 189 MET A HG2  1 
ATOM 833 H HG3  . MET A 1 50 ? 1.141   -4.381  4.409   1.00 0.00 ? 189 MET A HG3  1 
ATOM 834 H HE1  . MET A 1 50 ? 2.325   -6.455  3.176   1.00 0.00 ? 189 MET A HE1  1 
ATOM 835 H HE2  . MET A 1 50 ? 2.806   -7.956  4.000   1.00 0.00 ? 189 MET A HE2  1 
ATOM 836 H HE3  . MET A 1 50 ? 1.090   -7.649  3.642   1.00 0.00 ? 189 MET A HE3  1 
ATOM 837 N N    . ARG A 1 51 ? -1.387  -3.654  8.736   1.00 0.00 ? 190 ARG A N    1 
ATOM 838 C CA   . ARG A 1 51 ? -1.516  -3.344  10.155  1.00 0.00 ? 190 ARG A CA   1 
ATOM 839 C C    . ARG A 1 51 ? -2.978  -3.480  10.601  1.00 0.00 ? 190 ARG A C    1 
ATOM 840 O O    . ARG A 1 51 ? -3.493  -2.614  11.307  1.00 0.00 ? 190 ARG A O    1 
ATOM 841 C CB   . ARG A 1 51 ? -1.005  -1.925  10.413  1.00 0.00 ? 190 ARG A CB   1 
ATOM 842 C CG   . ARG A 1 51 ? 0.514   -1.869  10.229  1.00 0.00 ? 190 ARG A CG   1 
ATOM 843 C CD   . ARG A 1 51 ? 1.008   -0.422  10.375  1.00 0.00 ? 190 ARG A CD   1 
ATOM 844 N NE   . ARG A 1 51 ? 0.601   0.161   11.668  1.00 0.00 ? 190 ARG A NE   1 
ATOM 845 C CZ   . ARG A 1 51 ? -0.519  0.900   11.843  1.00 0.00 ? 190 ARG A CZ   1 
ATOM 846 N NH1  . ARG A 1 51 ? -1.328  1.174   10.808  1.00 0.00 ? 190 ARG A NH1  1 
ATOM 847 N NH2  . ARG A 1 51 ? -0.824  1.362   13.061  1.00 0.00 ? 190 ARG A NH2  1 
ATOM 848 H H    . ARG A 1 51 ? -1.339  -2.888  8.079   1.00 0.00 ? 190 ARG A H    1 
ATOM 849 H HA   . ARG A 1 51 ? -0.905  -4.046  10.727  1.00 0.00 ? 190 ARG A HA   1 
ATOM 850 H HB2  . ARG A 1 51 ? -1.480  -1.241  9.714   1.00 0.00 ? 190 ARG A HB2  1 
ATOM 851 H HB3  . ARG A 1 51 ? -1.255  -1.633  11.431  1.00 0.00 ? 190 ARG A HB3  1 
ATOM 852 H HG2  . ARG A 1 51 ? 0.993   -2.493  10.984  1.00 0.00 ? 190 ARG A HG2  1 
ATOM 853 H HG3  . ARG A 1 51 ? 0.776   -2.240  9.237   1.00 0.00 ? 190 ARG A HG3  1 
ATOM 854 H HD2  . ARG A 1 51 ? 2.098   -0.416  10.315  1.00 0.00 ? 190 ARG A HD2  1 
ATOM 855 H HD3  . ARG A 1 51 ? 0.609   0.177   9.559   1.00 0.00 ? 190 ARG A HD3  1 
ATOM 856 H HE   . ARG A 1 51 ? 1.202   -0.012  12.461  1.00 0.00 ? 190 ARG A HE   1 
ATOM 857 H HH11 . ARG A 1 51 ? -1.088  0.864   9.881   1.00 0.00 ? 190 ARG A HH11 1 
ATOM 858 H HH12 . ARG A 1 51 ? -2.189  1.693   10.958  1.00 0.00 ? 190 ARG A HH12 1 
ATOM 859 H HH21 . ARG A 1 51 ? -0.216  1.164   13.844  1.00 0.00 ? 190 ARG A HH21 1 
ATOM 860 H HH22 . ARG A 1 51 ? -1.662  1.909   13.200  1.00 0.00 ? 190 ARG A HH22 1 
ATOM 861 N N    . ARG A 1 52 ? -3.640  -4.572  10.197  1.00 0.00 ? 191 ARG A N    1 
ATOM 862 C CA   . ARG A 1 52 ? -5.025  -4.826  10.576  1.00 0.00 ? 191 ARG A CA   1 
ATOM 863 C C    . ARG A 1 52 ? -5.139  -4.936  12.098  1.00 0.00 ? 191 ARG A C    1 
ATOM 864 O O    . ARG A 1 52 ? -6.158  -4.562  12.673  1.00 0.00 ? 191 ARG A O    1 
ATOM 865 C CB   . ARG A 1 52 ? -5.526  -6.104  9.886   1.00 0.00 ? 191 ARG A CB   1 
ATOM 866 C CG   . ARG A 1 52 ? -4.673  -7.314  10.296  1.00 0.00 ? 191 ARG A CG   1 
ATOM 867 C CD   . ARG A 1 52 ? -4.946  -8.477  9.342   1.00 0.00 ? 191 ARG A CD   1 
ATOM 868 N NE   . ARG A 1 52 ? -4.006  -9.579  9.578   1.00 0.00 ? 191 ARG A NE   1 
ATOM 869 C CZ   . ARG A 1 52 ? -3.791  -10.567 8.691   1.00 0.00 ? 191 ARG A CZ   1 
ATOM 870 N NH1  . ARG A 1 52 ? -4.491  -10.612 7.548   1.00 0.00 ? 191 ARG A NH1  1 
ATOM 871 N NH2  . ARG A 1 52 ? -2.877  -11.509 8.952   1.00 0.00 ? 191 ARG A NH2  1 
ATOM 872 H H    . ARG A 1 52 ? -3.171  -5.253  9.613   1.00 0.00 ? 191 ARG A H    1 
ATOM 873 H HA   . ARG A 1 52 ? -5.638  -3.987  10.240  1.00 0.00 ? 191 ARG A HA   1 
ATOM 874 H HB2  . ARG A 1 52 ? -6.564  -6.283  10.170  1.00 0.00 ? 191 ARG A HB2  1 
ATOM 875 H HB3  . ARG A 1 52 ? -5.469  -5.973  8.807   1.00 0.00 ? 191 ARG A HB3  1 
ATOM 876 H HG2  . ARG A 1 52 ? -3.617  -7.053  10.248  1.00 0.00 ? 191 ARG A HG2  1 
ATOM 877 H HG3  . ARG A 1 52 ? -4.927  -7.612  11.314  1.00 0.00 ? 191 ARG A HG3  1 
ATOM 878 H HD2  . ARG A 1 52 ? -5.966  -8.833  9.493   1.00 0.00 ? 191 ARG A HD2  1 
ATOM 879 H HD3  . ARG A 1 52 ? -4.838  -8.126  8.315   1.00 0.00 ? 191 ARG A HD3  1 
ATOM 880 H HE   . ARG A 1 52 ? -3.500  -9.583  10.454  1.00 0.00 ? 191 ARG A HE   1 
ATOM 881 H HH11 . ARG A 1 52 ? -5.191  -9.911  7.357   1.00 0.00 ? 191 ARG A HH11 1 
ATOM 882 H HH12 . ARG A 1 52 ? -4.319  -11.347 6.877   1.00 0.00 ? 191 ARG A HH12 1 
ATOM 883 H HH21 . ARG A 1 52 ? -2.345  -11.475 9.810   1.00 0.00 ? 191 ARG A HH21 1 
ATOM 884 H HH22 . ARG A 1 52 ? -2.715  -12.256 8.291   1.00 0.00 ? 191 ARG A HH22 1 
ATOM 885 N N    . LYS A 1 53 ? -4.083  -5.447  12.746  1.00 0.00 ? 192 LYS A N    1 
ATOM 886 C CA   . LYS A 1 53 ? -4.047  -5.580  14.192  1.00 0.00 ? 192 LYS A CA   1 
ATOM 887 C C    . LYS A 1 53 ? -2.590  -5.579  14.646  1.00 0.00 ? 192 LYS A C    1 
ATOM 888 O O    . LYS A 1 53 ? -1.846  -6.509  14.336  1.00 0.00 ? 192 LYS A O    1 
ATOM 889 C CB   . LYS A 1 53 ? -4.756  -6.880  14.615  1.00 0.00 ? 192 LYS A CB   1 
ATOM 890 C CG   . LYS A 1 53 ? -5.576  -6.658  15.900  1.00 0.00 ? 192 LYS A CG   1 
ATOM 891 C CD   . LYS A 1 53 ? -4.686  -6.188  17.072  1.00 0.00 ? 192 LYS A CD   1 
ATOM 892 C CE   . LYS A 1 53 ? -3.603  -7.227  17.412  1.00 0.00 ? 192 LYS A CE   1 
ATOM 893 N NZ   . LYS A 1 53 ? -4.193  -8.538  17.732  1.00 0.00 ? 192 LYS A NZ   1 
ATOM 894 H H    . LYS A 1 53 ? -3.274  -5.749  12.221  1.00 0.00 ? 192 LYS A H    1 
ATOM 895 H HA   . LYS A 1 53 ? -4.561  -4.729  14.638  1.00 0.00 ? 192 LYS A HA   1 
ATOM 896 H HB2  . LYS A 1 53 ? -5.435  -7.191  13.817  1.00 0.00 ? 192 LYS A HB2  1 
ATOM 897 H HB3  . LYS A 1 53 ? -4.023  -7.666  14.778  1.00 0.00 ? 192 LYS A HB3  1 
ATOM 898 H HG2  . LYS A 1 53 ? -6.337  -5.900  15.707  1.00 0.00 ? 192 LYS A HG2  1 
ATOM 899 H HG3  . LYS A 1 53 ? -6.071  -7.589  16.173  1.00 0.00 ? 192 LYS A HG3  1 
ATOM 900 H HD2  . LYS A 1 53 ? -4.209  -5.244  16.811  1.00 0.00 ? 192 LYS A HD2  1 
ATOM 901 H HD3  . LYS A 1 53 ? -5.315  -6.031  17.951  1.00 0.00 ? 192 LYS A HD3  1 
ATOM 902 H HE2  . LYS A 1 53 ? -2.925  -7.335  16.571  1.00 0.00 ? 192 LYS A HE2  1 
ATOM 903 H HE3  . LYS A 1 53 ? -3.038  -6.874  18.276  1.00 0.00 ? 192 LYS A HE3  1 
ATOM 904 H HZ1  . LYS A 1 53 ? -4.861  -8.435  18.481  1.00 0.00 ? 192 LYS A HZ1  1 
ATOM 905 H HZ2  . LYS A 1 53 ? -4.658  -8.907  16.916  1.00 0.00 ? 192 LYS A HZ2  1 
ATOM 906 H HZ3  . LYS A 1 53 ? -3.461  -9.175  18.018  1.00 0.00 ? 192 LYS A HZ3  1 
ATOM 907 N N    . VAL A 1 54 ? -2.192  -4.535  15.379  1.00 0.00 ? 193 VAL A N    1 
ATOM 908 C CA   . VAL A 1 54 ? -0.842  -4.414  15.897  1.00 0.00 ? 193 VAL A CA   1 
ATOM 909 C C    . VAL A 1 54 ? -0.864  -4.700  17.397  1.00 0.00 ? 193 VAL A C    1 
ATOM 910 O O    . VAL A 1 54 ? -1.578  -3.944  18.090  1.00 0.00 ? 193 VAL A O    1 
ATOM 911 C CB   . VAL A 1 54 ? -0.310  -3.000  15.608  1.00 0.00 ? 193 VAL A CB   1 
ATOM 912 C CG1  . VAL A 1 54 ? 1.125   -2.868  16.128  1.00 0.00 ? 193 VAL A CG1  1 
ATOM 913 C CG2  . VAL A 1 54 ? -0.326  -2.742  14.097  1.00 0.00 ? 193 VAL A CG2  1 
ATOM 914 O OXT  . VAL A 1 54 ? -0.468  -5.834  17.747  1.00 0.00 ? 193 VAL A OXT  1 
ATOM 915 H H    . VAL A 1 54 ? -2.849  -3.799  15.594  1.00 0.00 ? 193 VAL A H    1 
ATOM 916 H HA   . VAL A 1 54 ? -0.195  -5.142  15.405  1.00 0.00 ? 193 VAL A HA   1 
ATOM 917 H HB   . VAL A 1 54 ? -0.943  -2.265  16.107  1.00 0.00 ? 193 VAL A HB   1 
ATOM 918 H HG11 . VAL A 1 54 ? 1.746   -3.649  15.686  1.00 0.00 ? 193 VAL A HG11 1 
ATOM 919 H HG12 . VAL A 1 54 ? 1.522   -1.892  15.854  1.00 0.00 ? 193 VAL A HG12 1 
ATOM 920 H HG13 . VAL A 1 54 ? 1.131   -2.971  17.213  1.00 0.00 ? 193 VAL A HG13 1 
ATOM 921 H HG21 . VAL A 1 54 ? 0.245   -3.519  13.588  1.00 0.00 ? 193 VAL A HG21 1 
ATOM 922 H HG22 . VAL A 1 54 ? -1.353  -2.751  13.734  1.00 0.00 ? 193 VAL A HG22 1 
ATOM 923 H HG23 . VAL A 1 54 ? 0.122   -1.770  13.890  1.00 0.00 ? 193 VAL A HG23 1 
# 
